data_5TOD
#
_entry.id   5TOD
#
_cell.length_a   83.395
_cell.length_b   117.098
_cell.length_c   148.133
_cell.angle_alpha   90.00
_cell.angle_beta   90.00
_cell.angle_gamma   90.00
#
_symmetry.space_group_name_H-M   'P 21 21 21'
#
_entity_poly.entity_id   1
_entity_poly.type   'polypeptide(L)'
_entity_poly.pdbx_seq_one_letter_code
;GPGSRAGAAEEPGVRGLLASLFAFKSFRENWQRAWVRALNEQACRNGSSIQIAFEEVPQLPPRASISHVTCVDQSEHT
(MSE)VLRCQLSAEEVRFPVSVTQQSPAAVS(MSE)ETYHVTLTLPPTQLEVNLEEIPGEGLLISWAFTDRPDLSLTVLP
KLQARERGEEQVELSTIEELIKDAIVSTQPA(MSE)(MSE)VNLRAC
;
_entity_poly.pdbx_strand_id   F,A,B,C,D,E
#
# COMPACT_ATOMS: atom_id res chain seq x y z
N ALA A 19 23.53 -13.61 7.32
CA ALA A 19 24.60 -13.28 6.40
C ALA A 19 24.19 -13.54 4.96
N SER A 20 23.49 -14.65 4.74
CA SER A 20 22.99 -14.96 3.40
C SER A 20 22.03 -13.89 2.89
N LEU A 21 21.38 -13.13 3.78
CA LEU A 21 20.46 -12.08 3.37
C LEU A 21 21.15 -10.75 3.08
N PHE A 22 22.36 -10.54 3.60
CA PHE A 22 23.08 -9.29 3.40
C PHE A 22 23.52 -9.10 1.94
N ALA A 23 23.35 -10.11 1.09
CA ALA A 23 23.72 -9.99 -0.31
C ALA A 23 22.59 -9.47 -1.18
N PHE A 24 21.36 -9.45 -0.68
CA PHE A 24 20.23 -8.93 -1.44
C PHE A 24 20.14 -7.43 -1.25
N LYS A 25 20.04 -6.70 -2.37
CA LYS A 25 19.96 -5.24 -2.29
C LYS A 25 18.75 -4.79 -1.48
N SER A 26 17.62 -5.48 -1.64
CA SER A 26 16.41 -5.06 -0.93
C SER A 26 16.59 -5.16 0.58
N PHE A 27 17.33 -6.17 1.05
CA PHE A 27 17.54 -6.33 2.49
C PHE A 27 18.44 -5.24 3.04
N ARG A 28 19.49 -4.87 2.31
CA ARG A 28 20.40 -3.83 2.78
C ARG A 28 19.67 -2.49 2.92
N GLU A 29 18.76 -2.19 2.00
CA GLU A 29 17.99 -0.95 2.08
C GLU A 29 17.18 -0.89 3.36
N ASN A 30 16.42 -1.96 3.64
CA ASN A 30 15.59 -1.99 4.85
C ASN A 30 16.45 -2.01 6.09
N TRP A 31 17.58 -2.71 6.06
CA TRP A 31 18.50 -2.72 7.19
C TRP A 31 18.88 -1.30 7.59
N GLN A 32 19.36 -0.51 6.63
CA GLN A 32 19.70 0.88 6.92
C GLN A 32 18.47 1.68 7.32
N ARG A 33 17.36 1.50 6.60
CA ARG A 33 16.15 2.27 6.91
C ARG A 33 15.59 1.90 8.28
N ALA A 34 15.82 0.66 8.73
CA ALA A 34 15.40 0.28 10.07
C ALA A 34 16.32 0.86 11.12
N TRP A 35 17.62 0.92 10.84
CA TRP A 35 18.56 1.51 11.78
C TRP A 35 18.27 3.00 11.97
N VAL A 36 17.90 3.69 10.89
CA VAL A 36 17.59 5.11 10.99
C VAL A 36 16.30 5.32 11.76
N ARG A 37 15.33 4.40 11.63
CA ARG A 37 14.08 4.53 12.39
C ARG A 37 14.34 4.40 13.88
N ALA A 38 15.13 3.41 14.28
CA ALA A 38 15.43 3.23 15.70
C ALA A 38 16.25 4.39 16.24
N LEU A 39 17.15 4.94 15.43
CA LEU A 39 17.98 6.05 15.88
C LEU A 39 17.14 7.28 16.20
N ASN A 40 16.16 7.59 15.35
CA ASN A 40 15.33 8.76 15.60
C ASN A 40 14.48 8.58 16.85
N GLU A 41 14.02 7.35 17.10
CA GLU A 41 13.22 7.09 18.29
C GLU A 41 13.99 7.43 19.56
N GLN A 42 15.20 6.91 19.69
CA GLN A 42 15.99 7.18 20.90
C GLN A 42 16.29 8.66 21.06
N ALA A 43 16.36 9.40 19.96
CA ALA A 43 16.60 10.84 20.06
C ALA A 43 15.53 11.53 20.90
N CYS A 44 14.30 11.04 20.86
CA CYS A 44 13.23 11.59 21.69
C CYS A 44 13.37 11.15 23.14
N ILE A 50 16.55 21.00 22.37
CA ILE A 50 17.12 20.61 21.08
C ILE A 50 16.73 19.17 20.77
N GLN A 51 16.67 18.85 19.47
CA GLN A 51 16.32 17.51 19.01
C GLN A 51 17.08 17.21 17.73
N ILE A 52 17.82 16.09 17.74
CA ILE A 52 18.58 15.66 16.57
C ILE A 52 17.75 14.62 15.82
N ALA A 53 17.92 14.59 14.50
CA ALA A 53 17.14 13.68 13.66
C ALA A 53 17.95 13.31 12.44
N PHE A 54 17.96 12.03 12.10
CA PHE A 54 18.60 11.54 10.88
C PHE A 54 17.59 11.62 9.76
N GLU A 55 17.85 12.51 8.79
CA GLU A 55 16.89 12.77 7.72
C GLU A 55 16.84 11.63 6.72
N GLU A 56 17.87 11.51 5.89
CA GLU A 56 17.88 10.55 4.81
C GLU A 56 18.58 9.26 5.24
N VAL A 57 18.34 8.20 4.46
CA VAL A 57 18.94 6.90 4.71
C VAL A 57 20.46 6.99 4.59
N LEU A 60 25.14 2.62 -0.28
CA LEU A 60 25.36 3.96 0.27
C LEU A 60 26.76 4.14 0.85
N PRO A 61 27.23 3.22 1.68
CA PRO A 61 28.55 3.39 2.31
C PRO A 61 29.66 3.02 1.35
N PRO A 62 30.74 3.81 1.29
CA PRO A 62 31.84 3.47 0.37
C PRO A 62 32.40 2.08 0.55
N ARG A 63 32.52 1.60 1.78
CA ARG A 63 33.03 0.25 2.02
C ARG A 63 32.52 -0.23 3.38
N ALA A 64 31.93 -1.43 3.39
CA ALA A 64 31.42 -2.03 4.62
C ALA A 64 31.66 -3.54 4.55
N SER A 65 31.64 -4.17 5.71
CA SER A 65 31.93 -5.61 5.78
C SER A 65 31.47 -6.18 7.10
N ILE A 66 30.78 -7.31 7.05
CA ILE A 66 30.46 -8.12 8.22
C ILE A 66 31.27 -9.40 8.13
N SER A 67 31.96 -9.75 9.22
CA SER A 67 32.87 -10.88 9.21
C SER A 67 32.78 -11.62 10.54
N HIS A 68 33.34 -12.83 10.55
CA HIS A 68 33.42 -13.65 11.76
C HIS A 68 32.02 -13.92 12.33
N VAL A 69 31.10 -14.31 11.44
CA VAL A 69 29.75 -14.62 11.87
C VAL A 69 29.77 -15.93 12.66
N THR A 70 29.32 -15.87 13.91
CA THR A 70 29.30 -17.03 14.80
C THR A 70 27.94 -17.14 15.46
N CYS A 71 27.50 -18.37 15.70
CA CYS A 71 26.21 -18.66 16.30
C CYS A 71 26.40 -18.99 17.77
N VAL A 72 26.04 -18.04 18.64
CA VAL A 72 26.23 -18.24 20.07
C VAL A 72 25.11 -19.12 20.65
N ASP A 73 23.88 -18.95 20.16
CA ASP A 73 22.75 -19.72 20.64
C ASP A 73 21.83 -20.05 19.47
N GLN A 74 21.19 -21.22 19.54
CA GLN A 74 20.28 -21.69 18.50
C GLN A 74 19.12 -22.41 19.18
N SER A 75 18.05 -21.66 19.44
CA SER A 75 16.86 -22.20 20.08
C SER A 75 15.91 -22.77 19.02
N GLU A 76 14.74 -23.23 19.48
CA GLU A 76 13.77 -23.83 18.56
C GLU A 76 13.13 -22.80 17.66
N HIS A 77 12.93 -21.57 18.15
CA HIS A 77 12.27 -20.52 17.38
C HIS A 77 13.10 -19.24 17.32
N THR A 78 14.33 -19.25 17.82
CA THR A 78 15.19 -18.07 17.81
C THR A 78 16.61 -18.48 17.44
N VAL A 80 20.73 -16.58 17.83
CA VAL A 80 21.58 -15.47 18.23
C VAL A 80 22.92 -15.59 17.52
N LEU A 81 23.34 -14.52 16.86
CA LEU A 81 24.59 -14.48 16.12
C LEU A 81 25.45 -13.33 16.61
N ARG A 82 26.75 -13.44 16.38
CA ARG A 82 27.70 -12.37 16.64
C ARG A 82 28.62 -12.23 15.45
N CYS A 83 29.06 -11.00 15.18
CA CYS A 83 29.88 -10.71 14.02
C CYS A 83 30.64 -9.41 14.25
N GLN A 84 31.53 -9.10 13.32
CA GLN A 84 32.32 -7.88 13.35
C GLN A 84 31.82 -6.97 12.24
N LEU A 85 31.42 -5.76 12.60
CA LEU A 85 30.90 -4.78 11.65
C LEU A 85 31.88 -3.62 11.52
N SER A 86 31.96 -3.07 10.30
CA SER A 86 32.85 -1.95 10.03
C SER A 86 32.40 -1.25 8.76
N ALA A 87 32.57 0.07 8.74
CA ALA A 87 32.27 0.87 7.57
C ALA A 87 33.27 2.02 7.51
N GLU A 88 33.39 2.62 6.33
CA GLU A 88 34.34 3.70 6.10
C GLU A 88 33.68 4.83 5.33
N GLU A 89 33.82 6.05 5.84
CA GLU A 89 33.38 7.26 5.15
C GLU A 89 31.90 7.20 4.79
N VAL A 90 31.06 6.77 5.74
CA VAL A 90 29.63 6.81 5.54
C VAL A 90 29.15 8.24 5.71
N ARG A 91 28.35 8.74 4.76
CA ARG A 91 27.90 10.11 4.76
C ARG A 91 26.38 10.14 4.85
N PHE A 92 25.85 11.00 5.72
CA PHE A 92 24.42 11.11 5.90
C PHE A 92 24.12 12.46 6.52
N PRO A 93 22.96 13.05 6.24
CA PRO A 93 22.62 14.33 6.85
C PRO A 93 21.98 14.16 8.21
N VAL A 94 22.17 15.17 9.06
CA VAL A 94 21.55 15.24 10.37
C VAL A 94 20.96 16.63 10.55
N SER A 95 19.72 16.69 11.04
CA SER A 95 19.03 17.94 11.27
C SER A 95 18.94 18.22 12.77
N VAL A 96 19.22 19.46 13.15
CA VAL A 96 19.04 19.93 14.52
C VAL A 96 17.82 20.83 14.54
N THR A 97 16.88 20.54 15.43
CA THR A 97 15.63 21.27 15.54
C THR A 97 15.51 21.86 16.93
N GLN A 98 15.22 23.15 17.01
CA GLN A 98 15.08 23.86 18.28
C GLN A 98 13.67 24.43 18.35
N GLN A 99 12.92 24.05 19.38
CA GLN A 99 11.57 24.53 19.60
C GLN A 99 11.58 25.70 20.56
N SER A 100 10.76 26.71 20.27
CA SER A 100 10.74 27.94 21.04
C SER A 100 9.32 28.51 21.08
N PRO A 101 9.09 29.66 21.72
CA PRO A 101 7.73 30.20 21.79
C PRO A 101 7.07 30.38 20.43
N ALA A 102 6.12 29.51 20.11
CA ALA A 102 5.34 29.60 18.88
C ALA A 102 6.26 29.67 17.66
N ALA A 103 7.28 28.83 17.64
CA ALA A 103 8.23 28.84 16.55
C ALA A 103 9.02 27.54 16.54
N VAL A 104 9.54 27.18 15.37
CA VAL A 104 10.39 26.00 15.20
C VAL A 104 11.51 26.40 14.25
N SER A 105 12.76 26.24 14.71
CA SER A 105 13.94 26.48 13.89
C SER A 105 14.62 25.15 13.59
N GLU A 107 18.33 23.46 11.48
CA GLU A 107 19.57 23.59 10.73
C GLU A 107 20.15 22.20 10.48
N THR A 108 20.49 21.92 9.23
CA THR A 108 20.98 20.61 8.84
C THR A 108 22.50 20.62 8.71
N TYR A 109 23.11 19.45 8.90
CA TYR A 109 24.55 19.30 8.88
C TYR A 109 24.95 18.09 8.05
N HIS A 110 26.20 18.09 7.61
CA HIS A 110 26.80 16.96 6.91
C HIS A 110 27.64 16.17 7.89
N VAL A 111 27.35 14.88 8.03
CA VAL A 111 28.04 14.00 8.96
C VAL A 111 28.79 12.94 8.18
N THR A 112 30.04 12.69 8.57
CA THR A 112 30.87 11.66 7.97
C THR A 112 31.38 10.76 9.09
N LEU A 113 30.91 9.52 9.12
CA LEU A 113 31.23 8.57 10.18
C LEU A 113 32.13 7.46 9.65
N THR A 114 32.94 6.91 10.55
CA THR A 114 33.78 5.75 10.23
C THR A 114 33.74 4.81 11.42
N LEU A 115 33.24 3.60 11.19
CA LEU A 115 33.13 2.59 12.24
C LEU A 115 34.21 1.54 12.05
N PRO A 116 35.20 1.45 12.93
CA PRO A 116 36.18 0.36 12.83
C PRO A 116 35.54 -0.96 13.21
N PRO A 117 36.23 -2.08 12.98
CA PRO A 117 35.64 -3.39 13.32
C PRO A 117 35.25 -3.47 14.79
N THR A 118 33.95 -3.65 15.03
CA THR A 118 33.42 -3.81 16.37
C THR A 118 32.34 -4.89 16.33
N GLN A 119 32.07 -5.46 17.51
CA GLN A 119 31.18 -6.61 17.61
C GLN A 119 29.76 -6.17 17.93
N LEU A 120 28.79 -6.78 17.25
CA LEU A 120 27.39 -6.65 17.58
C LEU A 120 26.75 -8.03 17.57
N GLU A 121 25.58 -8.14 18.20
CA GLU A 121 24.83 -9.39 18.28
C GLU A 121 23.52 -9.23 17.54
N VAL A 122 23.34 -10.05 16.49
CA VAL A 122 22.09 -10.08 15.74
C VAL A 122 21.23 -11.20 16.29
N ASN A 123 19.97 -10.87 16.63
CA ASN A 123 19.04 -11.81 17.23
C ASN A 123 17.88 -12.03 16.28
N LEU A 124 17.62 -13.29 15.93
CA LEU A 124 16.53 -13.65 15.04
C LEU A 124 15.44 -14.39 15.82
N GLU A 125 14.19 -14.12 15.48
CA GLU A 125 13.06 -14.73 16.16
C GLU A 125 11.90 -14.85 15.18
N GLU A 126 11.33 -16.05 15.08
CA GLU A 126 10.18 -16.28 14.22
C GLU A 126 8.91 -15.82 14.93
N ILE A 127 8.13 -14.99 14.25
CA ILE A 127 6.88 -14.45 14.78
C ILE A 127 5.74 -15.10 14.00
N PRO A 128 4.80 -15.78 14.65
CA PRO A 128 3.75 -16.47 13.91
C PRO A 128 2.77 -15.48 13.29
N GLY A 129 2.59 -15.60 11.98
CA GLY A 129 1.67 -14.75 11.24
C GLY A 129 2.24 -13.42 10.79
N GLU A 130 3.50 -13.12 11.12
CA GLU A 130 4.11 -11.85 10.76
C GLU A 130 5.38 -12.03 9.93
N GLY A 131 6.30 -12.87 10.39
CA GLY A 131 7.54 -13.11 9.66
C GLY A 131 8.67 -13.41 10.62
N LEU A 132 9.85 -12.87 10.29
CA LEU A 132 11.08 -13.08 11.05
C LEU A 132 11.55 -11.75 11.61
N LEU A 133 11.53 -11.62 12.93
CA LEU A 133 11.95 -10.39 13.61
C LEU A 133 13.46 -10.41 13.79
N ILE A 134 14.13 -9.38 13.29
CA ILE A 134 15.57 -9.22 13.39
C ILE A 134 15.86 -8.06 14.31
N SER A 135 16.84 -8.23 15.20
CA SER A 135 17.25 -7.21 16.15
C SER A 135 18.76 -7.28 16.32
N TRP A 136 19.39 -6.12 16.48
CA TRP A 136 20.83 -6.09 16.66
C TRP A 136 21.22 -4.90 17.52
N ALA A 137 22.43 -4.98 18.08
CA ALA A 137 22.95 -3.96 18.97
C ALA A 137 24.43 -4.24 19.21
N PHE A 138 25.20 -3.17 19.42
CA PHE A 138 26.62 -3.32 19.67
C PHE A 138 26.84 -3.95 21.04
N THR A 139 27.75 -4.93 21.09
CA THR A 139 28.07 -5.58 22.36
C THR A 139 29.04 -4.75 23.19
N ASP A 140 29.87 -3.93 22.55
CA ASP A 140 30.82 -3.08 23.25
C ASP A 140 30.84 -1.70 22.60
N ARG A 141 31.26 -0.71 23.38
CA ARG A 141 31.28 0.68 22.92
C ARG A 141 32.12 0.80 21.65
N PRO A 142 31.51 1.12 20.51
CA PRO A 142 32.31 1.24 19.28
C PRO A 142 33.16 2.50 19.29
N ASP A 143 34.39 2.36 18.80
CA ASP A 143 35.33 3.49 18.73
C ASP A 143 35.02 4.30 17.47
N LEU A 144 33.98 5.12 17.57
CA LEU A 144 33.53 5.90 16.43
C LEU A 144 34.48 7.07 16.18
N SER A 145 34.48 7.54 14.92
CA SER A 145 35.25 8.70 14.52
C SER A 145 34.46 9.42 13.43
N LEU A 146 33.58 10.33 13.85
CA LEU A 146 32.73 11.06 12.93
C LEU A 146 33.02 12.55 13.01
N THR A 147 32.70 13.25 11.92
CA THR A 147 32.89 14.69 11.82
C THR A 147 31.59 15.34 11.36
N VAL A 148 31.38 16.58 11.80
CA VAL A 148 30.19 17.33 11.48
C VAL A 148 30.59 18.66 10.87
N LEU A 149 29.90 19.05 9.80
CA LEU A 149 30.15 20.32 9.14
C LEU A 149 28.80 20.87 8.70
N PRO A 150 28.51 22.17 8.92
CA PRO A 150 27.21 22.70 8.49
C PRO A 150 27.03 22.69 6.99
N LYS A 151 25.85 23.13 6.52
CA LYS A 151 25.58 23.28 5.10
C LYS A 151 25.39 24.75 4.70
N LEU A 152 25.93 25.67 5.50
CA LEU A 152 25.72 27.10 5.27
C LEU A 152 24.24 27.45 5.31
N GLU A 163 27.37 24.24 19.10
CA GLU A 163 28.74 23.88 18.76
C GLU A 163 28.78 22.51 18.08
N LEU A 164 29.56 22.40 17.00
CA LEU A 164 29.66 21.14 16.29
C LEU A 164 30.15 20.02 17.21
N SER A 165 30.89 20.36 18.26
CA SER A 165 31.38 19.33 19.19
C SER A 165 30.23 18.62 19.89
N THR A 166 29.20 19.37 20.30
CA THR A 166 28.08 18.77 21.00
C THR A 166 27.23 17.91 20.07
N ILE A 167 27.04 18.37 18.82
CA ILE A 167 26.27 17.58 17.86
C ILE A 167 26.96 16.24 17.61
N GLU A 168 28.29 16.21 17.71
CA GLU A 168 29.01 14.95 17.51
C GLU A 168 28.71 13.96 18.63
N GLU A 169 28.65 14.42 19.88
CA GLU A 169 28.42 13.51 21.00
C GLU A 169 27.00 12.96 20.99
N LEU A 170 26.02 13.75 20.55
CA LEU A 170 24.66 13.26 20.48
C LEU A 170 24.52 12.15 19.45
N ILE A 171 25.18 12.30 18.30
CA ILE A 171 25.16 11.26 17.29
C ILE A 171 25.90 10.02 17.78
N LYS A 172 27.11 10.22 18.33
CA LYS A 172 27.85 9.09 18.90
C LYS A 172 27.02 8.39 19.97
N ASP A 173 26.41 9.16 20.88
CA ASP A 173 25.66 8.56 21.97
C ASP A 173 24.48 7.73 21.44
N ALA A 174 23.82 8.23 20.40
CA ALA A 174 22.68 7.50 19.85
C ALA A 174 23.13 6.22 19.14
N ILE A 175 24.15 6.32 18.29
CA ILE A 175 24.58 5.17 17.51
C ILE A 175 25.08 4.06 18.43
N VAL A 176 25.80 4.43 19.50
CA VAL A 176 26.36 3.43 20.39
C VAL A 176 25.30 2.72 21.22
N SER A 177 24.14 3.35 21.42
CA SER A 177 23.14 2.83 22.35
C SER A 177 21.96 2.14 21.66
N THR A 178 21.58 2.59 20.46
CA THR A 178 20.36 2.08 19.84
C THR A 178 20.47 0.59 19.56
N GLN A 179 19.31 -0.06 19.54
CA GLN A 179 19.19 -1.50 19.30
C GLN A 179 18.10 -1.68 18.26
N PRO A 180 18.41 -1.43 16.98
CA PRO A 180 17.36 -1.44 15.96
C PRO A 180 16.66 -2.79 15.84
N ALA A 181 15.53 -2.77 15.14
CA ALA A 181 14.76 -3.97 14.88
C ALA A 181 14.04 -3.81 13.56
N VAL A 184 10.95 -9.07 8.65
CA VAL A 184 11.06 -9.60 7.29
C VAL A 184 9.96 -10.64 7.08
N ASN A 185 10.07 -11.43 6.03
CA ASN A 185 9.10 -12.49 5.75
C ASN A 185 9.79 -13.80 5.39
N LEU B 18 -5.24 -1.48 26.79
CA LEU B 18 -5.68 -2.55 25.90
C LEU B 18 -7.13 -2.35 25.48
N ALA B 19 -8.04 -2.39 26.45
CA ALA B 19 -9.46 -2.18 26.16
C ALA B 19 -9.70 -0.93 25.32
N SER B 20 -8.78 0.03 25.35
CA SER B 20 -8.88 1.19 24.48
C SER B 20 -8.67 0.81 23.02
N LEU B 21 -7.89 -0.24 22.76
CA LEU B 21 -7.67 -0.68 21.38
C LEU B 21 -8.90 -1.37 20.81
N PHE B 22 -9.55 -2.23 21.60
CA PHE B 22 -10.71 -2.96 21.10
C PHE B 22 -11.91 -2.06 20.84
N ALA B 23 -11.95 -0.86 21.44
CA ALA B 23 -13.00 0.09 21.11
C ALA B 23 -12.91 0.58 19.68
N PHE B 24 -11.76 0.39 19.03
CA PHE B 24 -11.59 0.76 17.64
C PHE B 24 -11.96 -0.41 16.73
N LYS B 25 -12.47 -0.07 15.55
CA LYS B 25 -12.88 -1.09 14.59
C LYS B 25 -11.69 -1.63 13.80
N SER B 26 -10.77 -0.75 13.40
CA SER B 26 -9.60 -1.21 12.63
C SER B 26 -8.82 -2.25 13.41
N PHE B 27 -8.63 -2.04 14.71
CA PHE B 27 -7.89 -3.00 15.52
C PHE B 27 -8.61 -4.34 15.59
N ARG B 28 -9.95 -4.32 15.64
CA ARG B 28 -10.71 -5.56 15.69
C ARG B 28 -10.57 -6.34 14.39
N GLU B 29 -10.59 -5.64 13.26
CA GLU B 29 -10.45 -6.32 11.97
C GLU B 29 -9.09 -7.00 11.85
N ASN B 30 -8.01 -6.28 12.15
CA ASN B 30 -6.68 -6.87 12.08
C ASN B 30 -6.48 -7.95 13.14
N TRP B 31 -7.11 -7.79 14.30
CA TRP B 31 -7.03 -8.81 15.34
C TRP B 31 -7.49 -10.17 14.80
N GLN B 32 -8.63 -10.20 14.13
CA GLN B 32 -9.12 -11.45 13.57
C GLN B 32 -8.25 -11.91 12.41
N ARG B 33 -7.90 -10.99 11.51
CA ARG B 33 -7.10 -11.37 10.34
C ARG B 33 -5.77 -11.98 10.76
N ALA B 34 -5.15 -11.45 11.83
CA ALA B 34 -3.91 -12.02 12.32
C ALA B 34 -4.13 -13.39 12.94
N TRP B 35 -5.29 -13.62 13.54
CA TRP B 35 -5.58 -14.92 14.13
C TRP B 35 -5.73 -15.99 13.04
N VAL B 36 -6.42 -15.65 11.94
CA VAL B 36 -6.56 -16.59 10.84
C VAL B 36 -5.20 -16.91 10.23
N ARG B 37 -4.35 -15.90 10.08
CA ARG B 37 -3.00 -16.12 9.54
C ARG B 37 -2.26 -17.16 10.37
N ALA B 38 -2.22 -16.97 11.69
CA ALA B 38 -1.54 -17.94 12.56
C ALA B 38 -2.24 -19.29 12.54
N LEU B 39 -3.56 -19.31 12.38
CA LEU B 39 -4.29 -20.57 12.39
C LEU B 39 -3.94 -21.43 11.18
N ASN B 40 -3.78 -20.80 10.01
CA ASN B 40 -3.42 -21.54 8.81
C ASN B 40 -1.96 -21.96 8.81
N GLU B 41 -1.11 -21.29 9.59
CA GLU B 41 0.28 -21.71 9.70
C GLU B 41 0.40 -23.03 10.44
N GLN B 42 -0.20 -23.13 11.63
CA GLN B 42 -0.10 -24.36 12.39
C GLN B 42 -0.81 -25.51 11.70
N ALA B 43 -1.89 -25.24 10.97
CA ALA B 43 -2.56 -26.28 10.21
C ALA B 43 -1.68 -26.81 9.09
N CYS B 44 -0.79 -25.98 8.55
CA CYS B 44 0.09 -26.38 7.46
C CYS B 44 1.18 -27.32 7.94
N ILE B 50 -4.45 -34.60 3.74
CA ILE B 50 -5.52 -33.74 4.22
C ILE B 50 -4.94 -32.49 4.87
N GLN B 51 -5.21 -31.33 4.25
CA GLN B 51 -4.80 -30.04 4.78
C GLN B 51 -6.05 -29.19 5.03
N ILE B 52 -6.06 -28.50 6.16
CA ILE B 52 -7.20 -27.69 6.58
C ILE B 52 -6.79 -26.22 6.53
N ALA B 53 -7.73 -25.36 6.14
CA ALA B 53 -7.49 -23.93 6.05
C ALA B 53 -8.77 -23.18 6.34
N PHE B 54 -8.61 -22.00 6.96
CA PHE B 54 -9.75 -21.24 7.48
C PHE B 54 -10.30 -20.21 6.50
N GLU B 55 -9.60 -19.92 5.40
CA GLU B 55 -10.15 -19.11 4.31
C GLU B 55 -10.57 -17.76 4.89
N GLU B 56 -11.75 -17.25 4.57
CA GLU B 56 -12.11 -15.88 4.91
C GLU B 56 -12.11 -15.67 6.42
N VAL B 57 -12.20 -14.42 6.81
CA VAL B 57 -12.19 -14.00 8.21
C VAL B 57 -13.58 -14.20 8.79
N PRO B 58 -13.72 -14.63 10.06
CA PRO B 58 -15.04 -14.62 10.70
C PRO B 58 -15.59 -13.19 10.76
N GLN B 59 -16.48 -12.85 9.82
CA GLN B 59 -16.83 -11.46 9.60
C GLN B 59 -17.18 -10.75 10.89
N LEU B 60 -18.08 -11.32 11.68
CA LEU B 60 -18.56 -10.62 12.87
C LEU B 60 -19.19 -11.59 13.86
N PRO B 61 -18.66 -11.70 15.07
CA PRO B 61 -19.28 -12.57 16.07
C PRO B 61 -20.58 -11.97 16.56
N PRO B 62 -21.68 -12.73 16.56
CA PRO B 62 -22.94 -12.19 17.09
C PRO B 62 -22.79 -11.56 18.46
N ARG B 63 -21.96 -12.13 19.33
CA ARG B 63 -21.68 -11.53 20.62
C ARG B 63 -20.32 -12.02 21.10
N ALA B 64 -19.48 -11.10 21.54
CA ALA B 64 -18.16 -11.45 22.04
C ALA B 64 -17.77 -10.44 23.10
N SER B 65 -16.79 -10.80 23.92
CA SER B 65 -16.42 -9.96 25.05
C SER B 65 -15.00 -10.29 25.50
N ILE B 66 -14.29 -9.24 25.92
CA ILE B 66 -13.07 -9.38 26.72
C ILE B 66 -13.32 -8.62 28.02
N SER B 67 -12.95 -9.24 29.14
CA SER B 67 -13.22 -8.65 30.44
C SER B 67 -12.14 -9.09 31.43
N HIS B 68 -12.19 -8.49 32.62
CA HIS B 68 -11.25 -8.83 33.69
C HIS B 68 -9.81 -8.65 33.24
N VAL B 69 -9.56 -7.60 32.46
CA VAL B 69 -8.22 -7.33 31.98
C VAL B 69 -7.37 -6.86 33.15
N THR B 70 -6.29 -7.61 33.43
CA THR B 70 -5.41 -7.30 34.54
C THR B 70 -3.97 -7.41 34.09
N CYS B 71 -3.11 -6.60 34.69
CA CYS B 71 -1.69 -6.57 34.35
C CYS B 71 -0.92 -7.48 35.31
N VAL B 72 -0.29 -8.52 34.78
CA VAL B 72 0.44 -9.46 35.61
C VAL B 72 1.92 -9.12 35.70
N ASP B 73 2.48 -8.47 34.68
CA ASP B 73 3.88 -8.07 34.69
C ASP B 73 4.06 -6.87 33.78
N GLN B 74 4.91 -5.94 34.20
CA GLN B 74 5.13 -4.70 33.48
C GLN B 74 6.62 -4.38 33.49
N SER B 75 7.21 -4.28 32.31
CA SER B 75 8.61 -3.93 32.15
C SER B 75 8.71 -2.58 31.42
N GLU B 76 9.95 -2.13 31.21
CA GLU B 76 10.17 -0.88 30.50
C GLU B 76 9.69 -0.97 29.07
N HIS B 77 9.84 -2.14 28.44
CA HIS B 77 9.50 -2.32 27.04
C HIS B 77 8.48 -3.43 26.79
N THR B 78 8.04 -4.14 27.83
CA THR B 78 7.09 -5.24 27.66
C THR B 78 5.98 -5.13 28.69
N VAL B 80 2.52 -7.73 30.12
CA VAL B 80 1.77 -8.98 30.05
C VAL B 80 0.42 -8.76 30.68
N LEU B 81 -0.64 -9.06 29.93
CA LEU B 81 -2.01 -8.89 30.38
C LEU B 81 -2.73 -10.24 30.34
N ARG B 82 -3.62 -10.44 31.32
CA ARG B 82 -4.53 -11.58 31.34
C ARG B 82 -5.96 -11.07 31.26
N CYS B 83 -6.80 -11.81 30.53
CA CYS B 83 -8.19 -11.39 30.35
C CYS B 83 -9.01 -12.62 30.00
N GLN B 84 -10.34 -12.45 30.08
CA GLN B 84 -11.29 -13.50 29.77
C GLN B 84 -11.96 -13.18 28.45
N LEU B 85 -11.85 -14.10 27.48
CA LEU B 85 -12.43 -13.95 26.16
C LEU B 85 -13.65 -14.86 26.03
N SER B 86 -14.64 -14.40 25.27
CA SER B 86 -15.81 -15.21 24.99
C SER B 86 -16.43 -14.78 23.68
N ALA B 87 -17.06 -15.73 22.98
CA ALA B 87 -17.72 -15.46 21.72
C ALA B 87 -18.80 -16.50 21.50
N GLU B 88 -19.93 -16.08 20.93
CA GLU B 88 -21.09 -16.94 20.73
C GLU B 88 -21.47 -16.95 19.26
N GLU B 89 -21.61 -18.15 18.70
CA GLU B 89 -22.11 -18.34 17.34
C GLU B 89 -21.24 -17.62 16.31
N VAL B 90 -19.92 -17.75 16.47
CA VAL B 90 -19.00 -17.25 15.45
C VAL B 90 -19.07 -18.16 14.23
N ARG B 91 -19.28 -17.55 13.07
CA ARG B 91 -19.44 -18.29 11.83
C ARG B 91 -18.30 -17.96 10.88
N PHE B 92 -17.65 -18.99 10.34
CA PHE B 92 -16.56 -18.79 9.40
C PHE B 92 -16.44 -20.02 8.52
N PRO B 93 -15.95 -19.86 7.29
CA PRO B 93 -15.79 -21.02 6.40
C PRO B 93 -14.47 -21.74 6.65
N VAL B 94 -14.46 -23.03 6.30
CA VAL B 94 -13.26 -23.85 6.39
C VAL B 94 -13.18 -24.73 5.14
N SER B 95 -11.97 -24.91 4.64
CA SER B 95 -11.74 -25.72 3.44
C SER B 95 -10.85 -26.90 3.77
N VAL B 96 -11.19 -28.06 3.21
CA VAL B 96 -10.35 -29.26 3.27
C VAL B 96 -9.77 -29.48 1.89
N THR B 97 -8.44 -29.57 1.80
CA THR B 97 -7.73 -29.72 0.55
C THR B 97 -7.00 -31.05 0.55
N GLN B 98 -7.29 -31.90 -0.43
CA GLN B 98 -6.69 -33.22 -0.54
C GLN B 98 -5.83 -33.25 -1.80
N GLN B 99 -4.52 -33.32 -1.62
CA GLN B 99 -3.60 -33.44 -2.74
C GLN B 99 -3.47 -34.91 -3.15
N SER B 100 -3.25 -35.12 -4.45
CA SER B 100 -3.14 -36.47 -4.99
C SER B 100 -2.29 -36.44 -6.25
N PRO B 101 -2.08 -37.59 -6.91
CA PRO B 101 -1.27 -37.60 -8.13
C PRO B 101 -1.82 -36.69 -9.22
N ALA B 102 -1.14 -35.56 -9.45
CA ALA B 102 -1.50 -34.62 -10.51
C ALA B 102 -2.95 -34.17 -10.40
N ALA B 103 -3.37 -33.85 -9.18
CA ALA B 103 -4.73 -33.39 -8.95
C ALA B 103 -4.84 -32.82 -7.55
N VAL B 104 -5.66 -31.78 -7.41
CA VAL B 104 -5.93 -31.15 -6.12
C VAL B 104 -7.43 -30.98 -5.99
N SER B 105 -8.01 -31.58 -4.96
CA SER B 105 -9.42 -31.46 -4.67
C SER B 105 -9.63 -30.62 -3.43
N GLU B 107 -12.85 -28.97 -0.81
CA GLU B 107 -14.23 -28.88 -0.39
C GLU B 107 -14.32 -27.96 0.82
N THR B 108 -15.36 -27.13 0.87
CA THR B 108 -15.50 -26.14 1.92
C THR B 108 -16.68 -26.48 2.84
N TYR B 109 -16.61 -25.97 4.06
CA TYR B 109 -17.56 -26.30 5.10
C TYR B 109 -17.93 -25.04 5.88
N HIS B 110 -19.17 -25.02 6.37
CA HIS B 110 -19.63 -23.98 7.29
C HIS B 110 -19.30 -24.41 8.71
N VAL B 111 -18.73 -23.49 9.49
CA VAL B 111 -18.33 -23.75 10.86
C VAL B 111 -18.95 -22.70 11.76
N THR B 112 -19.59 -23.15 12.84
CA THR B 112 -20.17 -22.27 13.85
C THR B 112 -19.53 -22.58 15.19
N LEU B 113 -18.99 -21.56 15.85
CA LEU B 113 -18.16 -21.75 17.03
C LEU B 113 -18.67 -20.91 18.19
N THR B 114 -18.78 -21.55 19.36
CA THR B 114 -19.11 -20.86 20.60
C THR B 114 -17.95 -21.06 21.58
N LEU B 115 -17.40 -19.96 22.07
CA LEU B 115 -16.24 -19.98 22.95
C LEU B 115 -16.65 -19.49 24.33
N PRO B 116 -16.94 -20.37 25.29
CA PRO B 116 -17.29 -19.91 26.63
C PRO B 116 -16.13 -19.16 27.27
N PRO B 117 -16.39 -18.35 28.29
CA PRO B 117 -15.32 -17.54 28.89
C PRO B 117 -14.10 -18.36 29.27
N THR B 118 -12.99 -18.14 28.56
CA THR B 118 -11.73 -18.80 28.86
C THR B 118 -10.62 -17.76 28.92
N GLN B 119 -9.61 -18.05 29.73
CA GLN B 119 -8.52 -17.11 29.97
C GLN B 119 -7.45 -17.24 28.90
N LEU B 120 -6.98 -16.09 28.41
CA LEU B 120 -5.83 -16.03 27.53
C LEU B 120 -4.87 -14.96 28.02
N GLU B 121 -3.60 -15.12 27.65
CA GLU B 121 -2.53 -14.24 28.06
C GLU B 121 -2.05 -13.45 26.85
N VAL B 122 -1.90 -12.14 27.01
CA VAL B 122 -1.52 -11.23 25.94
C VAL B 122 -0.18 -10.59 26.29
N ASN B 123 0.75 -10.61 25.34
CA ASN B 123 2.06 -10.00 25.50
C ASN B 123 2.13 -8.75 24.62
N LEU B 124 2.44 -7.61 25.25
CA LEU B 124 2.65 -6.35 24.54
C LEU B 124 4.12 -6.00 24.64
N GLU B 125 4.77 -5.79 23.49
CA GLU B 125 6.19 -5.48 23.46
C GLU B 125 6.44 -4.33 22.49
N GLU B 126 7.14 -3.31 22.97
CA GLU B 126 7.54 -2.20 22.12
C GLU B 126 8.81 -2.58 21.37
N ILE B 127 8.73 -2.56 20.05
CA ILE B 127 9.85 -2.89 19.16
C ILE B 127 10.29 -1.62 18.46
N PRO B 128 11.57 -1.27 18.51
CA PRO B 128 12.00 0.04 17.96
C PRO B 128 11.85 0.09 16.45
N GLY B 129 11.31 1.21 15.97
CA GLY B 129 11.14 1.45 14.55
C GLY B 129 10.00 0.71 13.89
N GLU B 130 9.48 -0.34 14.52
CA GLU B 130 8.43 -1.16 13.92
C GLU B 130 7.06 -0.94 14.54
N GLY B 131 6.97 -0.80 15.86
CA GLY B 131 5.70 -0.58 16.52
C GLY B 131 5.50 -1.44 17.75
N LEU B 132 4.26 -1.82 18.01
CA LEU B 132 3.89 -2.61 19.18
C LEU B 132 3.54 -4.03 18.73
N LEU B 133 4.25 -5.02 19.27
CA LEU B 133 4.03 -6.42 18.93
C LEU B 133 3.09 -7.04 19.95
N ILE B 134 1.94 -7.53 19.48
CA ILE B 134 0.91 -8.09 20.34
C ILE B 134 0.78 -9.57 20.00
N SER B 135 0.96 -10.43 20.99
CA SER B 135 0.80 -11.87 20.84
C SER B 135 -0.05 -12.40 21.99
N TRP B 136 -0.91 -13.37 21.67
CA TRP B 136 -1.80 -13.94 22.68
C TRP B 136 -1.90 -15.44 22.52
N ALA B 137 -2.38 -16.09 23.57
CA ALA B 137 -2.49 -17.55 23.62
C ALA B 137 -3.39 -17.93 24.78
N PHE B 138 -4.12 -19.04 24.62
CA PHE B 138 -4.93 -19.55 25.71
C PHE B 138 -4.04 -20.11 26.82
N THR B 139 -4.45 -19.88 28.06
CA THR B 139 -3.67 -20.37 29.20
C THR B 139 -4.01 -21.81 29.54
N ASP B 140 -5.24 -22.24 29.27
CA ASP B 140 -5.63 -23.63 29.42
C ASP B 140 -6.53 -24.01 28.26
N ARG B 141 -6.62 -25.31 27.98
CA ARG B 141 -7.44 -25.81 26.88
C ARG B 141 -8.85 -25.25 26.99
N PRO B 142 -9.27 -24.35 26.10
CA PRO B 142 -10.63 -23.83 26.16
C PRO B 142 -11.65 -24.89 25.75
N ASP B 143 -12.85 -24.75 26.29
CA ASP B 143 -13.93 -25.71 26.03
C ASP B 143 -14.70 -25.25 24.80
N LEU B 144 -14.17 -25.60 23.63
CA LEU B 144 -14.78 -25.21 22.37
C LEU B 144 -15.97 -26.11 22.06
N SER B 145 -16.99 -25.52 21.45
CA SER B 145 -18.15 -26.25 20.97
C SER B 145 -18.50 -25.73 19.58
N LEU B 146 -18.22 -26.54 18.56
CA LEU B 146 -18.45 -26.13 17.18
C LEU B 146 -19.20 -27.20 16.41
N THR B 147 -19.86 -26.78 15.34
CA THR B 147 -20.61 -27.66 14.46
C THR B 147 -20.20 -27.40 13.02
N VAL B 148 -19.88 -28.47 12.29
CA VAL B 148 -19.36 -28.39 10.93
C VAL B 148 -20.39 -29.00 9.99
N LEU B 149 -20.82 -28.22 9.01
CA LEU B 149 -21.75 -28.68 7.99
C LEU B 149 -21.13 -28.43 6.61
N PRO B 150 -21.32 -29.35 5.65
CA PRO B 150 -20.83 -29.10 4.30
C PRO B 150 -21.73 -28.12 3.54
N LYS B 151 -21.13 -27.48 2.55
CA LYS B 151 -21.85 -26.56 1.66
C LYS B 151 -22.37 -27.26 0.40
N LEU B 152 -22.47 -28.58 0.42
CA LEU B 152 -22.85 -29.36 -0.77
C LEU B 152 -21.87 -29.12 -1.91
N GLU B 163 -15.56 -38.58 8.93
CA GLU B 163 -14.97 -37.45 8.23
C GLU B 163 -15.27 -36.14 8.98
N LEU B 164 -16.55 -35.75 9.02
CA LEU B 164 -16.91 -34.49 9.68
C LEU B 164 -16.42 -34.46 11.12
N SER B 165 -16.49 -35.61 11.82
CA SER B 165 -16.00 -35.65 13.19
C SER B 165 -14.49 -35.36 13.25
N THR B 166 -13.75 -35.71 12.20
CA THR B 166 -12.31 -35.47 12.19
C THR B 166 -11.99 -34.02 11.81
N ILE B 167 -12.80 -33.40 10.96
CA ILE B 167 -12.61 -31.98 10.67
C ILE B 167 -12.79 -31.16 11.93
N GLU B 168 -13.75 -31.55 12.77
CA GLU B 168 -13.98 -30.83 14.02
C GLU B 168 -12.73 -30.85 14.90
N GLU B 169 -12.12 -32.02 15.07
CA GLU B 169 -10.95 -32.12 15.94
C GLU B 169 -9.76 -31.38 15.34
N LEU B 170 -9.61 -31.42 14.01
CA LEU B 170 -8.55 -30.65 13.39
C LEU B 170 -8.72 -29.17 13.64
N ILE B 171 -9.97 -28.68 13.55
CA ILE B 171 -10.24 -27.27 13.86
C ILE B 171 -10.01 -27.00 15.34
N LYS B 172 -10.57 -27.84 16.20
CA LYS B 172 -10.39 -27.66 17.64
C LYS B 172 -8.92 -27.67 18.01
N ASP B 173 -8.12 -28.51 17.34
CA ASP B 173 -6.70 -28.59 17.67
C ASP B 173 -5.98 -27.30 17.29
N ALA B 174 -6.34 -26.71 16.15
CA ALA B 174 -5.72 -25.46 15.74
C ALA B 174 -6.07 -24.34 16.72
N ILE B 175 -7.37 -24.13 16.96
CA ILE B 175 -7.80 -23.03 17.82
C ILE B 175 -7.17 -23.12 19.20
N VAL B 176 -6.92 -24.34 19.68
CA VAL B 176 -6.40 -24.48 21.04
C VAL B 176 -4.89 -24.27 21.08
N SER B 177 -4.17 -24.66 20.03
CA SER B 177 -2.72 -24.69 20.08
C SER B 177 -2.06 -23.42 19.53
N THR B 178 -2.74 -22.69 18.66
CA THR B 178 -2.11 -21.54 18.02
C THR B 178 -1.96 -20.39 19.01
N GLN B 179 -0.89 -19.61 18.81
CA GLN B 179 -0.58 -18.43 19.62
C GLN B 179 -0.31 -17.31 18.63
N PRO B 180 -1.34 -16.55 18.24
CA PRO B 180 -1.16 -15.55 17.19
C PRO B 180 -0.23 -14.42 17.62
N ALA B 181 0.06 -13.55 16.66
CA ALA B 181 0.90 -12.39 16.88
C ALA B 181 0.65 -11.39 15.77
N VAL B 184 1.61 -3.49 15.17
CA VAL B 184 0.82 -2.28 15.02
C VAL B 184 1.68 -1.19 14.37
N LEU C 18 2.15 -26.45 -10.51
CA LEU C 18 0.81 -25.87 -10.48
C LEU C 18 0.04 -26.35 -9.25
N ALA C 19 -0.14 -27.67 -9.15
CA ALA C 19 -0.81 -28.24 -8.00
C ALA C 19 -0.16 -27.77 -6.70
N SER C 20 1.12 -27.41 -6.75
CA SER C 20 1.78 -26.86 -5.57
C SER C 20 1.26 -25.47 -5.25
N LEU C 21 0.85 -24.70 -6.26
CA LEU C 21 0.35 -23.35 -6.02
C LEU C 21 -1.08 -23.37 -5.46
N PHE C 22 -1.92 -24.29 -5.95
CA PHE C 22 -3.31 -24.33 -5.52
C PHE C 22 -3.51 -24.89 -4.12
N ALA C 23 -2.48 -25.50 -3.53
CA ALA C 23 -2.57 -25.93 -2.15
C ALA C 23 -2.47 -24.77 -1.17
N PHE C 24 -1.94 -23.62 -1.61
CA PHE C 24 -1.86 -22.44 -0.78
C PHE C 24 -3.12 -21.61 -0.90
N LYS C 25 -3.49 -20.95 0.20
CA LYS C 25 -4.72 -20.18 0.26
C LYS C 25 -4.57 -18.84 -0.47
N SER C 26 -3.42 -18.20 -0.37
CA SER C 26 -3.24 -16.89 -0.99
C SER C 26 -3.38 -16.97 -2.50
N PHE C 27 -2.83 -18.02 -3.11
CA PHE C 27 -2.90 -18.15 -4.56
C PHE C 27 -4.34 -18.32 -5.03
N ARG C 28 -5.12 -19.15 -4.34
CA ARG C 28 -6.51 -19.36 -4.74
C ARG C 28 -7.28 -18.04 -4.76
N GLU C 29 -7.01 -17.15 -3.81
CA GLU C 29 -7.72 -15.87 -3.73
C GLU C 29 -7.38 -14.99 -4.92
N ASN C 30 -6.09 -14.70 -5.11
CA ASN C 30 -5.67 -13.91 -6.27
C ASN C 30 -6.11 -14.56 -7.57
N TRP C 31 -6.14 -15.90 -7.61
CA TRP C 31 -6.64 -16.61 -8.78
C TRP C 31 -8.09 -16.20 -9.08
N GLN C 32 -8.95 -16.29 -8.07
CA GLN C 32 -10.36 -15.93 -8.27
C GLN C 32 -10.50 -14.43 -8.54
N ARG C 33 -9.77 -13.60 -7.80
CA ARG C 33 -9.90 -12.15 -7.97
C ARG C 33 -9.50 -11.72 -9.37
N ALA C 34 -8.43 -12.30 -9.91
CA ALA C 34 -8.02 -11.98 -11.27
C ALA C 34 -9.07 -12.40 -12.29
N TRP C 35 -9.65 -13.58 -12.10
CA TRP C 35 -10.69 -14.06 -13.02
C TRP C 35 -11.84 -13.07 -13.10
N VAL C 36 -12.24 -12.50 -11.96
CA VAL C 36 -13.35 -11.55 -11.95
C VAL C 36 -12.96 -10.25 -12.64
N ARG C 37 -11.73 -9.78 -12.42
CA ARG C 37 -11.25 -8.60 -13.13
C ARG C 37 -11.35 -8.80 -14.64
N ALA C 38 -10.82 -9.91 -15.13
CA ALA C 38 -10.88 -10.19 -16.57
C ALA C 38 -12.30 -10.35 -17.05
N LEU C 39 -13.17 -10.93 -16.22
CA LEU C 39 -14.57 -11.12 -16.61
C LEU C 39 -15.27 -9.78 -16.81
N ASN C 40 -14.97 -8.80 -15.96
CA ASN C 40 -15.58 -7.48 -16.11
C ASN C 40 -15.06 -6.75 -17.33
N GLU C 41 -13.79 -6.97 -17.70
CA GLU C 41 -13.24 -6.33 -18.89
C GLU C 41 -13.91 -6.86 -20.14
N GLN C 42 -14.14 -8.17 -20.21
CA GLN C 42 -14.80 -8.75 -21.38
C GLN C 42 -16.25 -8.30 -21.51
N ALA C 43 -16.91 -8.01 -20.38
CA ALA C 43 -18.30 -7.60 -20.43
C ALA C 43 -18.46 -6.14 -20.83
N CYS C 44 -17.52 -5.29 -20.44
CA CYS C 44 -17.60 -3.86 -20.74
C CYS C 44 -17.65 -3.60 -22.24
N ILE C 50 -27.68 -1.67 -21.37
CA ILE C 50 -27.45 -2.74 -20.41
C ILE C 50 -25.94 -2.91 -20.21
N GLN C 51 -25.57 -3.30 -19.00
CA GLN C 51 -24.17 -3.57 -18.67
C GLN C 51 -24.14 -4.53 -17.49
N ILE C 52 -23.34 -5.58 -17.59
CA ILE C 52 -23.26 -6.61 -16.58
C ILE C 52 -21.89 -6.55 -15.91
N ALA C 53 -21.86 -6.89 -14.62
CA ALA C 53 -20.64 -6.89 -13.84
C ALA C 53 -20.75 -7.96 -12.77
N PHE C 54 -19.62 -8.56 -12.42
CA PHE C 54 -19.60 -9.69 -11.51
C PHE C 54 -19.39 -9.29 -10.05
N GLU C 55 -18.94 -8.06 -9.80
CA GLU C 55 -18.95 -7.50 -8.44
C GLU C 55 -18.02 -8.34 -7.56
N GLU C 56 -18.47 -8.80 -6.39
CA GLU C 56 -17.57 -9.35 -5.39
C GLU C 56 -16.98 -10.69 -5.84
N VAL C 57 -15.86 -11.04 -5.21
CA VAL C 57 -15.21 -12.33 -5.46
C VAL C 57 -16.18 -13.45 -5.11
N PRO C 58 -16.28 -14.51 -5.92
CA PRO C 58 -17.15 -15.64 -5.53
C PRO C 58 -16.69 -16.27 -4.23
N GLN C 59 -17.66 -16.62 -3.39
CA GLN C 59 -17.35 -17.34 -2.17
C GLN C 59 -16.61 -18.63 -2.50
N LEU C 60 -15.82 -19.12 -1.55
CA LEU C 60 -15.10 -20.36 -1.74
C LEU C 60 -16.07 -21.45 -2.20
N PRO C 61 -15.82 -22.09 -3.35
CA PRO C 61 -16.82 -23.00 -3.92
C PRO C 61 -17.03 -24.21 -3.03
N PRO C 62 -18.27 -24.70 -2.91
CA PRO C 62 -18.50 -25.92 -2.09
C PRO C 62 -17.53 -27.04 -2.40
N ARG C 63 -17.34 -27.35 -3.69
CA ARG C 63 -16.37 -28.35 -4.11
C ARG C 63 -15.83 -27.94 -5.47
N ALA C 64 -14.52 -28.11 -5.64
CA ALA C 64 -13.86 -27.80 -6.90
C ALA C 64 -12.57 -28.58 -6.98
N SER C 65 -12.18 -28.93 -8.20
CA SER C 65 -11.03 -29.80 -8.40
C SER C 65 -10.32 -29.46 -9.70
N ILE C 66 -8.99 -29.55 -9.67
CA ILE C 66 -8.17 -29.61 -10.88
C ILE C 66 -7.51 -30.98 -10.89
N SER C 67 -7.54 -31.65 -12.05
CA SER C 67 -7.05 -33.00 -12.16
C SER C 67 -6.39 -33.20 -13.53
N HIS C 68 -5.64 -34.30 -13.64
CA HIS C 68 -4.97 -34.65 -14.89
C HIS C 68 -4.05 -33.53 -15.37
N VAL C 69 -3.30 -32.95 -14.44
CA VAL C 69 -2.42 -31.83 -14.75
C VAL C 69 -1.22 -32.38 -15.52
N THR C 70 -1.11 -32.02 -16.79
CA THR C 70 -0.03 -32.50 -17.66
C THR C 70 0.70 -31.33 -18.28
N CYS C 71 2.01 -31.52 -18.47
CA CYS C 71 2.87 -30.52 -19.10
C CYS C 71 2.94 -30.81 -20.59
N VAL C 72 2.39 -29.90 -21.40
CA VAL C 72 2.34 -30.10 -22.84
C VAL C 72 3.46 -29.38 -23.59
N ASP C 73 4.09 -28.38 -22.97
CA ASP C 73 5.20 -27.69 -23.61
C ASP C 73 6.01 -26.98 -22.53
N GLN C 74 7.32 -26.92 -22.75
CA GLN C 74 8.24 -26.39 -21.76
C GLN C 74 9.33 -25.59 -22.48
N SER C 75 9.54 -24.36 -22.03
CA SER C 75 10.56 -23.48 -22.58
C SER C 75 11.53 -23.07 -21.49
N GLU C 76 12.49 -22.21 -21.86
CA GLU C 76 13.40 -21.66 -20.87
C GLU C 76 12.67 -20.70 -19.93
N HIS C 77 11.74 -19.92 -20.47
CA HIS C 77 11.03 -18.91 -19.69
C HIS C 77 9.52 -19.12 -19.64
N THR C 78 8.98 -20.08 -20.39
CA THR C 78 7.54 -20.32 -20.41
C THR C 78 7.25 -21.79 -20.11
N VAL C 80 3.49 -24.56 -20.41
CA VAL C 80 2.08 -24.70 -20.77
C VAL C 80 1.55 -25.99 -20.14
N LEU C 81 0.49 -25.87 -19.35
CA LEU C 81 -0.14 -26.98 -18.68
C LEU C 81 -1.57 -27.15 -19.17
N ARG C 82 -2.05 -28.39 -19.19
CA ARG C 82 -3.45 -28.68 -19.42
C ARG C 82 -3.98 -29.52 -18.26
N CYS C 83 -5.25 -29.31 -17.93
CA CYS C 83 -5.85 -29.97 -16.78
C CYS C 83 -7.36 -30.00 -16.95
N GLN C 84 -8.01 -30.75 -16.08
CA GLN C 84 -9.47 -30.79 -16.00
C GLN C 84 -9.91 -29.94 -14.81
N LEU C 85 -10.78 -28.97 -15.06
CA LEU C 85 -11.29 -28.09 -14.02
C LEU C 85 -12.77 -28.38 -13.78
N SER C 86 -13.15 -28.39 -12.51
CA SER C 86 -14.55 -28.61 -12.15
C SER C 86 -14.87 -27.86 -10.86
N ALA C 87 -16.08 -27.31 -10.80
CA ALA C 87 -16.58 -26.66 -9.60
C ALA C 87 -18.08 -26.92 -9.51
N GLU C 88 -18.57 -27.03 -8.27
CA GLU C 88 -19.95 -27.41 -8.02
C GLU C 88 -20.62 -26.40 -7.11
N GLU C 89 -21.76 -25.86 -7.57
CA GLU C 89 -22.61 -24.98 -6.77
C GLU C 89 -21.86 -23.72 -6.37
N VAL C 90 -21.15 -23.13 -7.33
CA VAL C 90 -20.51 -21.85 -7.11
C VAL C 90 -21.56 -20.76 -7.07
N ARG C 91 -21.49 -19.88 -6.07
CA ARG C 91 -22.45 -18.80 -5.90
C ARG C 91 -21.71 -17.46 -5.93
N PHE C 92 -22.22 -16.51 -6.71
CA PHE C 92 -21.61 -15.21 -6.83
C PHE C 92 -22.66 -14.23 -7.32
N PRO C 93 -22.57 -12.95 -6.93
CA PRO C 93 -23.57 -11.97 -7.36
C PRO C 93 -23.19 -11.31 -8.68
N VAL C 94 -24.23 -10.83 -9.36
CA VAL C 94 -24.09 -10.13 -10.64
C VAL C 94 -25.01 -8.92 -10.63
N SER C 95 -24.49 -7.81 -11.13
CA SER C 95 -25.25 -6.55 -11.19
C SER C 95 -25.49 -6.18 -12.64
N VAL C 96 -26.71 -5.73 -12.93
CA VAL C 96 -27.09 -5.24 -14.24
C VAL C 96 -27.33 -3.75 -14.11
N THR C 97 -26.49 -2.96 -14.77
CA THR C 97 -26.55 -1.50 -14.69
C THR C 97 -27.07 -0.96 -16.01
N GLN C 98 -28.07 -0.08 -15.94
CA GLN C 98 -28.67 0.54 -17.11
C GLN C 98 -28.47 2.05 -17.03
N GLN C 99 -27.85 2.62 -18.05
CA GLN C 99 -27.62 4.05 -18.15
C GLN C 99 -28.73 4.68 -18.97
N SER C 100 -29.17 5.86 -18.54
CA SER C 100 -30.30 6.53 -19.18
C SER C 100 -30.16 8.04 -19.04
N PRO C 101 -31.11 8.84 -19.54
CA PRO C 101 -30.98 10.30 -19.44
C PRO C 101 -30.86 10.79 -18.00
N ALA C 102 -29.67 11.26 -17.64
CA ALA C 102 -29.43 11.84 -16.31
C ALA C 102 -29.87 10.90 -15.20
N ALA C 103 -29.56 9.61 -15.37
CA ALA C 103 -29.96 8.62 -14.39
C ALA C 103 -29.15 7.36 -14.59
N VAL C 104 -29.00 6.59 -13.51
CA VAL C 104 -28.34 5.29 -13.54
C VAL C 104 -29.12 4.35 -12.63
N SER C 105 -29.62 3.26 -13.19
CA SER C 105 -30.29 2.22 -12.42
C SER C 105 -29.40 1.00 -12.33
N GLU C 107 -29.44 -3.22 -10.66
CA GLU C 107 -30.10 -4.33 -9.99
C GLU C 107 -29.13 -5.49 -9.91
N THR C 108 -29.22 -6.26 -8.83
CA THR C 108 -28.30 -7.37 -8.57
C THR C 108 -29.05 -8.69 -8.56
N TYR C 109 -28.31 -9.76 -8.87
CA TYR C 109 -28.87 -11.09 -9.03
C TYR C 109 -27.98 -12.12 -8.35
N HIS C 110 -28.60 -13.20 -7.87
CA HIS C 110 -27.89 -14.36 -7.36
C HIS C 110 -27.67 -15.35 -8.50
N VAL C 111 -26.43 -15.75 -8.71
CA VAL C 111 -26.06 -16.67 -9.78
C VAL C 111 -25.45 -17.92 -9.14
N THR C 112 -26.02 -19.08 -9.48
CA THR C 112 -25.49 -20.37 -9.03
C THR C 112 -24.97 -21.08 -10.26
N LEU C 113 -23.69 -21.48 -10.21
CA LEU C 113 -23.01 -22.03 -11.38
C LEU C 113 -22.39 -23.38 -11.02
N THR C 114 -22.46 -24.32 -11.96
CA THR C 114 -21.80 -25.61 -11.82
C THR C 114 -20.98 -25.87 -13.07
N LEU C 115 -19.71 -26.20 -12.87
CA LEU C 115 -18.76 -26.41 -13.97
C LEU C 115 -18.37 -27.87 -14.02
N PRO C 116 -18.95 -28.67 -14.91
CA PRO C 116 -18.53 -30.07 -15.04
C PRO C 116 -17.06 -30.15 -15.43
N PRO C 117 -16.44 -31.32 -15.33
CA PRO C 117 -15.03 -31.42 -15.73
C PRO C 117 -14.81 -30.97 -17.17
N THR C 118 -14.12 -29.85 -17.33
CA THR C 118 -13.77 -29.32 -18.63
C THR C 118 -12.29 -28.98 -18.66
N GLN C 119 -11.72 -28.98 -19.86
CA GLN C 119 -10.29 -28.78 -20.04
C GLN C 119 -10.00 -27.31 -20.25
N LEU C 120 -9.07 -26.76 -19.46
CA LEU C 120 -8.51 -25.45 -19.71
C LEU C 120 -6.99 -25.56 -19.82
N GLU C 121 -6.40 -24.59 -20.50
CA GLU C 121 -4.96 -24.50 -20.66
C GLU C 121 -4.43 -23.39 -19.75
N VAL C 122 -3.20 -23.58 -19.27
CA VAL C 122 -2.55 -22.63 -18.38
C VAL C 122 -1.17 -22.33 -18.92
N ASN C 123 -0.89 -21.05 -19.14
CA ASN C 123 0.41 -20.59 -19.62
C ASN C 123 1.14 -19.89 -18.47
N LEU C 124 2.35 -20.34 -18.18
CA LEU C 124 3.22 -19.70 -17.21
C LEU C 124 4.41 -19.10 -17.95
N GLU C 125 4.64 -17.80 -17.76
CA GLU C 125 5.68 -17.09 -18.49
C GLU C 125 6.45 -16.20 -17.52
N GLU C 126 7.77 -16.34 -17.52
CA GLU C 126 8.63 -15.47 -16.72
C GLU C 126 8.79 -14.12 -17.39
N ILE C 127 8.78 -13.07 -16.58
CA ILE C 127 8.96 -11.71 -17.08
C ILE C 127 10.06 -11.04 -16.25
N PRO C 128 11.03 -10.39 -16.88
CA PRO C 128 12.17 -9.86 -16.11
C PRO C 128 11.78 -8.65 -15.27
N GLY C 129 12.24 -8.66 -14.02
CA GLY C 129 12.00 -7.55 -13.12
C GLY C 129 10.59 -7.43 -12.59
N GLU C 130 9.70 -8.35 -12.97
CA GLU C 130 8.31 -8.30 -12.52
C GLU C 130 7.84 -9.59 -11.87
N GLY C 131 8.18 -10.74 -12.45
CA GLY C 131 7.80 -12.01 -11.85
C GLY C 131 7.32 -13.04 -12.85
N LEU C 132 6.30 -13.81 -12.46
CA LEU C 132 5.77 -14.89 -13.27
C LEU C 132 4.34 -14.55 -13.68
N LEU C 133 4.12 -14.41 -14.98
CA LEU C 133 2.80 -14.09 -15.52
C LEU C 133 2.06 -15.39 -15.83
N ILE C 134 0.92 -15.58 -15.17
CA ILE C 134 0.08 -16.76 -15.37
C ILE C 134 -1.17 -16.35 -16.12
N SER C 135 -1.64 -17.23 -16.99
CA SER C 135 -2.83 -16.97 -17.80
C SER C 135 -3.45 -18.30 -18.17
N TRP C 136 -4.78 -18.32 -18.25
CA TRP C 136 -5.49 -19.56 -18.53
C TRP C 136 -6.76 -19.26 -19.32
N ALA C 137 -7.29 -20.32 -19.92
CA ALA C 137 -8.48 -20.21 -20.77
C ALA C 137 -9.01 -21.61 -21.04
N PHE C 138 -10.31 -21.70 -21.28
CA PHE C 138 -10.93 -22.98 -21.59
C PHE C 138 -10.55 -23.40 -23.02
N THR C 139 -10.10 -24.65 -23.17
CA THR C 139 -9.74 -25.14 -24.48
C THR C 139 -10.96 -25.48 -25.33
N ASP C 140 -12.06 -25.90 -24.70
CA ASP C 140 -13.31 -26.12 -25.41
C ASP C 140 -14.46 -25.62 -24.55
N ARG C 141 -15.55 -25.22 -25.22
CA ARG C 141 -16.72 -24.65 -24.59
C ARG C 141 -17.19 -25.50 -23.42
N PRO C 142 -17.09 -25.01 -22.18
CA PRO C 142 -17.59 -25.80 -21.05
C PRO C 142 -19.11 -25.82 -21.03
N ASP C 143 -19.67 -26.99 -20.75
CA ASP C 143 -21.12 -27.16 -20.69
C ASP C 143 -21.60 -26.58 -19.37
N LEU C 144 -21.68 -25.25 -19.33
CA LEU C 144 -22.07 -24.55 -18.11
C LEU C 144 -23.56 -24.73 -17.85
N SER C 145 -23.89 -24.98 -16.59
CA SER C 145 -25.27 -24.98 -16.11
C SER C 145 -25.36 -23.99 -14.96
N LEU C 146 -26.18 -22.95 -15.12
CA LEU C 146 -26.32 -21.97 -14.07
C LEU C 146 -27.74 -21.42 -14.09
N THR C 147 -28.18 -20.97 -12.91
CA THR C 147 -29.49 -20.35 -12.74
C THR C 147 -29.30 -18.97 -12.14
N VAL C 148 -30.26 -18.08 -12.41
CA VAL C 148 -30.18 -16.68 -12.00
C VAL C 148 -31.50 -16.30 -11.36
N LEU C 149 -31.44 -15.81 -10.13
CA LEU C 149 -32.62 -15.33 -9.41
C LEU C 149 -32.41 -13.88 -8.98
N PRO C 150 -33.45 -13.04 -9.02
CA PRO C 150 -33.31 -11.68 -8.49
C PRO C 150 -33.16 -11.70 -6.97
N LYS C 151 -32.77 -10.54 -6.44
CA LYS C 151 -32.72 -10.32 -5.00
C LYS C 151 -33.93 -9.54 -4.49
N LEU C 152 -35.03 -9.52 -5.25
CA LEU C 152 -36.17 -8.65 -4.94
C LEU C 152 -35.74 -7.20 -4.90
N GLU C 163 -36.26 -12.10 -19.49
CA GLU C 163 -35.18 -11.24 -19.01
C GLU C 163 -34.07 -12.06 -18.37
N LEU C 164 -34.44 -12.89 -17.38
CA LEU C 164 -33.44 -13.73 -16.73
C LEU C 164 -32.73 -14.63 -17.74
N SER C 165 -33.39 -14.98 -18.83
CA SER C 165 -32.74 -15.80 -19.85
C SER C 165 -31.60 -15.03 -20.51
N THR C 166 -31.80 -13.73 -20.77
CA THR C 166 -30.75 -12.95 -21.42
C THR C 166 -29.55 -12.76 -20.50
N ILE C 167 -29.78 -12.68 -19.18
CA ILE C 167 -28.67 -12.54 -18.24
C ILE C 167 -27.88 -13.84 -18.18
N GLU C 168 -28.57 -14.99 -18.27
CA GLU C 168 -27.87 -16.27 -18.27
C GLU C 168 -26.91 -16.36 -19.45
N GLU C 169 -27.36 -15.94 -20.64
CA GLU C 169 -26.53 -16.07 -21.83
C GLU C 169 -25.34 -15.11 -21.79
N LEU C 170 -25.55 -13.90 -21.25
CA LEU C 170 -24.44 -12.96 -21.16
C LEU C 170 -23.39 -13.44 -20.17
N ILE C 171 -23.82 -14.01 -19.04
CA ILE C 171 -22.87 -14.53 -18.06
C ILE C 171 -22.11 -15.72 -18.65
N LYS C 172 -22.82 -16.67 -19.25
CA LYS C 172 -22.14 -17.81 -19.87
C LYS C 172 -21.16 -17.34 -20.95
N ASP C 173 -21.58 -16.40 -21.79
CA ASP C 173 -20.71 -15.91 -22.85
C ASP C 173 -19.41 -15.36 -22.27
N ALA C 174 -19.49 -14.59 -21.18
CA ALA C 174 -18.29 -14.04 -20.56
C ALA C 174 -17.38 -15.15 -20.05
N ILE C 175 -17.94 -16.11 -19.32
CA ILE C 175 -17.13 -17.17 -18.72
C ILE C 175 -16.39 -17.95 -19.81
N VAL C 176 -17.05 -18.22 -20.93
CA VAL C 176 -16.42 -18.99 -21.99
C VAL C 176 -15.31 -18.20 -22.67
N SER C 177 -15.57 -16.93 -22.98
CA SER C 177 -14.66 -16.14 -23.79
C SER C 177 -13.41 -15.71 -23.03
N THR C 178 -13.54 -15.39 -21.75
CA THR C 178 -12.46 -14.76 -21.03
C THR C 178 -11.24 -15.66 -20.90
N GLN C 179 -10.07 -15.02 -20.90
CA GLN C 179 -8.79 -15.70 -20.70
C GLN C 179 -8.04 -14.90 -19.64
N PRO C 180 -8.30 -15.17 -18.36
CA PRO C 180 -7.71 -14.34 -17.30
C PRO C 180 -6.20 -14.41 -17.29
N ALA C 181 -5.60 -13.39 -16.68
CA ALA C 181 -4.16 -13.31 -16.48
C ALA C 181 -3.88 -12.72 -15.10
N VAL C 184 2.66 -12.59 -10.58
CA VAL C 184 3.13 -13.14 -9.31
C VAL C 184 4.58 -12.74 -9.10
N SER D 26 6.01 11.45 -12.90
CA SER D 26 5.74 10.29 -12.06
C SER D 26 6.09 9.00 -12.81
N PHE D 27 5.66 8.93 -14.08
CA PHE D 27 5.95 7.76 -14.89
C PHE D 27 7.45 7.56 -15.06
N ARG D 28 8.21 8.66 -15.19
CA ARG D 28 9.65 8.54 -15.32
C ARG D 28 10.28 7.86 -14.11
N GLU D 29 9.69 8.04 -12.93
CA GLU D 29 10.22 7.42 -11.72
C GLU D 29 10.10 5.90 -11.79
N ASN D 30 8.91 5.41 -12.14
CA ASN D 30 8.70 3.97 -12.26
C ASN D 30 9.47 3.39 -13.45
N TRP D 31 9.63 4.17 -14.52
CA TRP D 31 10.40 3.69 -15.67
C TRP D 31 11.83 3.34 -15.27
N GLN D 32 12.47 4.20 -14.47
CA GLN D 32 13.83 3.94 -14.03
C GLN D 32 13.87 2.79 -13.02
N ARG D 33 12.91 2.74 -12.11
CA ARG D 33 12.90 1.69 -11.09
C ARG D 33 12.84 0.31 -11.72
N ALA D 34 12.08 0.17 -12.82
CA ALA D 34 12.00 -1.11 -13.50
C ALA D 34 13.30 -1.44 -14.22
N TRP D 35 13.93 -0.43 -14.84
CA TRP D 35 15.19 -0.67 -15.53
C TRP D 35 16.23 -1.25 -14.59
N VAL D 36 16.36 -0.66 -13.40
CA VAL D 36 17.35 -1.14 -12.43
C VAL D 36 17.03 -2.57 -12.01
N ARG D 37 15.74 -2.89 -11.84
CA ARG D 37 15.36 -4.25 -11.49
C ARG D 37 15.86 -5.24 -12.53
N ALA D 38 15.57 -4.98 -13.82
CA ALA D 38 16.05 -5.87 -14.87
C ALA D 38 17.57 -5.84 -14.98
N LEU D 39 18.21 -4.72 -14.63
CA LEU D 39 19.66 -4.64 -14.71
C LEU D 39 20.31 -5.52 -13.65
N ASN D 40 19.71 -5.62 -12.47
CA ASN D 40 20.29 -6.45 -11.42
C ASN D 40 20.07 -7.93 -11.67
N GLU D 41 18.96 -8.30 -12.30
CA GLU D 41 18.74 -9.71 -12.64
C GLU D 41 19.75 -10.18 -13.68
N GLN D 42 20.02 -9.36 -14.70
CA GLN D 42 20.99 -9.75 -15.72
C GLN D 42 22.39 -9.87 -15.14
N ALA D 43 22.72 -9.05 -14.15
CA ALA D 43 24.04 -9.13 -13.52
C ALA D 43 24.19 -10.38 -12.66
N CYS D 44 23.09 -10.94 -12.19
CA CYS D 44 23.14 -12.13 -11.34
C CYS D 44 23.38 -13.39 -12.18
N GLN D 51 29.84 -10.28 -7.37
CA GLN D 51 28.51 -9.84 -7.77
C GLN D 51 28.42 -8.32 -7.81
N ILE D 52 27.87 -7.79 -8.89
CA ILE D 52 27.69 -6.36 -9.07
C ILE D 52 26.19 -6.06 -8.99
N ALA D 53 25.88 -4.82 -8.60
CA ALA D 53 24.50 -4.41 -8.43
C ALA D 53 24.37 -2.91 -8.69
N PHE D 54 23.27 -2.53 -9.32
CA PHE D 54 22.91 -1.12 -9.49
C PHE D 54 22.02 -0.73 -8.32
N GLU D 55 22.54 0.15 -7.45
CA GLU D 55 21.87 0.41 -6.16
C GLU D 55 20.67 1.34 -6.33
N GLU D 56 20.92 2.62 -6.55
CA GLU D 56 19.87 3.63 -6.62
C GLU D 56 19.48 3.89 -8.05
N VAL D 57 18.27 4.42 -8.23
CA VAL D 57 17.87 4.90 -9.56
C VAL D 57 18.74 6.08 -9.94
N PRO D 58 19.10 6.25 -11.22
CA PRO D 58 20.00 7.36 -11.58
C PRO D 58 19.35 8.71 -11.30
N GLN D 59 20.14 9.64 -10.78
CA GLN D 59 19.66 10.99 -10.57
C GLN D 59 19.17 11.58 -11.89
N LEU D 60 18.51 12.72 -11.81
CA LEU D 60 18.00 13.37 -13.00
C LEU D 60 19.14 13.64 -13.97
N PRO D 61 19.02 13.28 -15.24
CA PRO D 61 20.12 13.49 -16.19
C PRO D 61 20.17 14.94 -16.63
N PRO D 62 21.38 15.52 -16.73
CA PRO D 62 21.47 16.91 -17.21
C PRO D 62 20.72 17.16 -18.50
N ARG D 63 20.83 16.26 -19.48
CA ARG D 63 20.04 16.35 -20.70
C ARG D 63 19.71 14.95 -21.17
N ALA D 64 18.54 14.81 -21.78
CA ALA D 64 18.08 13.53 -22.31
C ALA D 64 16.96 13.79 -23.30
N SER D 65 16.70 12.81 -24.14
CA SER D 65 15.68 13.00 -25.17
C SER D 65 15.32 11.67 -25.82
N ILE D 66 14.08 11.58 -26.28
CA ILE D 66 13.63 10.54 -27.19
C ILE D 66 13.14 11.23 -28.45
N SER D 67 13.56 10.74 -29.61
CA SER D 67 13.24 11.37 -30.88
C SER D 67 12.94 10.31 -31.94
N HIS D 68 12.32 10.75 -33.03
CA HIS D 68 11.97 9.88 -34.14
C HIS D 68 11.06 8.74 -33.69
N VAL D 69 10.08 9.08 -32.86
CA VAL D 69 9.13 8.08 -32.37
C VAL D 69 8.21 7.70 -33.51
N THR D 70 8.19 6.41 -33.84
CA THR D 70 7.42 5.91 -34.96
C THR D 70 6.73 4.62 -34.57
N CYS D 71 5.49 4.46 -35.02
CA CYS D 71 4.72 3.25 -34.79
C CYS D 71 4.98 2.27 -35.94
N VAL D 72 5.52 1.10 -35.60
CA VAL D 72 5.92 0.12 -36.62
C VAL D 72 4.85 -0.94 -36.78
N ASP D 73 4.13 -1.24 -35.70
CA ASP D 73 3.09 -2.26 -35.76
C ASP D 73 2.06 -1.99 -34.68
N GLN D 74 0.81 -2.33 -34.98
CA GLN D 74 -0.31 -2.06 -34.09
C GLN D 74 -1.29 -3.22 -34.15
N SER D 75 -1.86 -3.57 -32.98
CA SER D 75 -2.84 -4.64 -32.87
C SER D 75 -3.99 -4.17 -31.99
N GLU D 76 -4.98 -5.05 -31.82
CA GLU D 76 -6.10 -4.73 -30.93
C GLU D 76 -5.62 -4.52 -29.50
N HIS D 77 -4.65 -5.32 -29.06
CA HIS D 77 -4.19 -5.30 -27.67
C HIS D 77 -2.71 -5.03 -27.53
N THR D 78 -1.98 -4.79 -28.62
CA THR D 78 -0.56 -4.52 -28.54
C THR D 78 -0.18 -3.38 -29.46
N VAL D 80 3.79 -1.56 -31.08
CA VAL D 80 5.25 -1.61 -31.13
C VAL D 80 5.77 -0.27 -31.61
N LEU D 81 6.73 0.28 -30.88
CA LEU D 81 7.28 1.60 -31.16
C LEU D 81 8.80 1.53 -31.27
N ARG D 82 9.35 2.44 -32.07
CA ARG D 82 10.79 2.63 -32.14
C ARG D 82 11.10 4.11 -32.01
N CYS D 83 12.20 4.42 -31.34
CA CYS D 83 12.61 5.80 -31.11
C CYS D 83 14.12 5.86 -30.99
N GLN D 84 14.64 7.08 -30.89
CA GLN D 84 16.05 7.33 -30.68
C GLN D 84 16.22 7.89 -29.28
N LEU D 85 16.86 7.13 -28.41
CA LEU D 85 17.09 7.53 -27.03
C LEU D 85 18.50 8.11 -26.87
N SER D 86 18.62 9.09 -25.98
CA SER D 86 19.91 9.71 -25.72
C SER D 86 19.88 10.39 -24.35
N ALA D 87 21.03 10.37 -23.68
CA ALA D 87 21.17 10.95 -22.35
C ALA D 87 22.63 11.31 -22.13
N GLU D 88 22.87 12.42 -21.44
CA GLU D 88 24.21 12.94 -21.23
C GLU D 88 24.51 13.04 -19.74
N GLU D 89 25.69 12.55 -19.35
CA GLU D 89 26.18 12.66 -17.98
C GLU D 89 25.18 12.07 -16.99
N VAL D 90 24.84 10.80 -17.22
CA VAL D 90 24.00 10.05 -16.29
C VAL D 90 24.87 9.52 -15.16
N ARG D 91 24.44 9.74 -13.92
CA ARG D 91 25.20 9.35 -12.74
C ARG D 91 24.37 8.40 -11.90
N PHE D 92 24.99 7.30 -11.47
CA PHE D 92 24.32 6.34 -10.60
C PHE D 92 25.38 5.52 -9.89
N PRO D 93 25.08 4.98 -8.71
CA PRO D 93 26.05 4.17 -7.98
C PRO D 93 25.94 2.69 -8.28
N VAL D 94 27.05 1.98 -8.04
CA VAL D 94 27.15 0.55 -8.27
C VAL D 94 27.97 -0.07 -7.14
N SER D 95 27.50 -1.20 -6.63
CA SER D 95 28.15 -1.89 -5.52
C SER D 95 28.69 -3.23 -5.98
N VAL D 96 29.85 -3.60 -5.44
CA VAL D 96 30.48 -4.88 -5.70
C VAL D 96 30.53 -5.65 -4.38
N THR D 97 29.84 -6.78 -4.33
CA THR D 97 29.68 -7.56 -3.10
C THR D 97 30.45 -8.87 -3.23
N GLN D 98 31.28 -9.16 -2.23
CA GLN D 98 32.08 -10.38 -2.20
C GLN D 98 31.71 -11.18 -0.96
N GLN D 99 31.35 -12.44 -1.17
CA GLN D 99 30.93 -13.34 -0.09
C GLN D 99 32.09 -14.27 0.26
N SER D 100 32.76 -14.00 1.38
CA SER D 100 33.85 -14.81 1.87
C SER D 100 33.30 -15.80 2.91
N PRO D 101 34.12 -16.66 3.49
CA PRO D 101 33.58 -17.65 4.44
C PRO D 101 33.09 -16.97 5.72
N ALA D 102 31.78 -17.06 5.96
CA ALA D 102 31.16 -16.43 7.13
C ALA D 102 31.45 -14.94 7.17
N ALA D 103 31.35 -14.29 6.01
CA ALA D 103 31.63 -12.87 5.91
C ALA D 103 31.07 -12.34 4.59
N VAL D 104 30.74 -11.05 4.57
CA VAL D 104 30.24 -10.38 3.38
C VAL D 104 30.86 -8.98 3.35
N SER D 105 31.63 -8.70 2.30
CA SER D 105 32.26 -7.40 2.10
C SER D 105 31.56 -6.66 0.97
N GLU D 107 31.74 -2.72 -1.54
CA GLU D 107 32.39 -1.50 -1.95
C GLU D 107 31.57 -0.87 -3.07
N THR D 108 31.37 0.45 -2.99
CA THR D 108 30.53 1.17 -3.93
C THR D 108 31.37 2.09 -4.81
N TYR D 109 30.83 2.40 -5.98
CA TYR D 109 31.54 3.18 -6.99
C TYR D 109 30.59 4.17 -7.65
N HIS D 110 31.18 5.27 -8.13
CA HIS D 110 30.44 6.29 -8.87
C HIS D 110 30.56 5.99 -10.36
N VAL D 111 29.42 5.82 -11.02
CA VAL D 111 29.37 5.53 -12.45
C VAL D 111 28.80 6.76 -13.15
N THR D 112 29.56 7.30 -14.10
CA THR D 112 29.10 8.36 -14.97
C THR D 112 28.98 7.80 -16.38
N LEU D 113 27.90 8.17 -17.05
CA LEU D 113 27.50 7.53 -18.30
C LEU D 113 27.03 8.58 -19.29
N THR D 114 27.28 8.32 -20.58
CA THR D 114 26.76 9.16 -21.65
C THR D 114 26.27 8.27 -22.77
N LEU D 115 25.01 8.41 -23.13
CA LEU D 115 24.35 7.56 -24.12
C LEU D 115 24.06 8.37 -25.37
N PRO D 116 24.77 8.15 -26.47
CA PRO D 116 24.46 8.88 -27.71
C PRO D 116 23.20 8.33 -28.35
N PRO D 117 22.62 9.04 -29.32
CA PRO D 117 21.38 8.57 -29.94
C PRO D 117 21.46 7.16 -30.49
N THR D 118 20.76 6.23 -29.84
CA THR D 118 20.63 4.86 -30.31
C THR D 118 19.16 4.48 -30.34
N GLN D 119 18.85 3.44 -31.12
CA GLN D 119 17.47 3.03 -31.33
C GLN D 119 17.12 1.91 -30.35
N LEU D 120 16.02 2.10 -29.62
CA LEU D 120 15.43 1.03 -28.83
C LEU D 120 14.00 0.79 -29.30
N GLU D 121 13.53 -0.43 -29.10
CA GLU D 121 12.17 -0.81 -29.41
C GLU D 121 11.36 -0.85 -28.12
N VAL D 122 10.07 -0.55 -28.23
CA VAL D 122 9.16 -0.55 -27.10
C VAL D 122 7.93 -1.38 -27.48
N ASN D 123 7.62 -2.38 -26.66
CA ASN D 123 6.43 -3.20 -26.84
C ASN D 123 5.43 -2.86 -25.75
N LEU D 124 4.18 -2.62 -26.16
CA LEU D 124 3.08 -2.38 -25.25
C LEU D 124 2.04 -3.47 -25.44
N GLU D 125 1.64 -4.12 -24.35
CA GLU D 125 0.72 -5.24 -24.42
C GLU D 125 -0.30 -5.12 -23.31
N GLU D 126 -1.58 -5.06 -23.69
CA GLU D 126 -2.66 -5.06 -22.71
C GLU D 126 -2.83 -6.45 -22.13
N ILE D 127 -2.87 -6.55 -20.81
CA ILE D 127 -3.10 -7.79 -20.10
C ILE D 127 -4.48 -7.71 -19.45
N PRO D 128 -5.38 -8.65 -19.69
CA PRO D 128 -6.73 -8.52 -19.14
C PRO D 128 -6.73 -8.54 -17.62
N GLY D 129 -7.38 -7.55 -17.02
CA GLY D 129 -7.47 -7.47 -15.58
C GLY D 129 -6.24 -6.88 -14.92
N GLU D 130 -5.06 -7.09 -15.50
CA GLU D 130 -3.82 -6.63 -14.90
C GLU D 130 -3.45 -5.23 -15.36
N GLY D 131 -3.40 -5.00 -16.68
CA GLY D 131 -3.10 -3.69 -17.19
C GLY D 131 -2.28 -3.69 -18.48
N LEU D 132 -1.30 -2.79 -18.56
CA LEU D 132 -0.50 -2.60 -19.77
C LEU D 132 0.94 -3.00 -19.48
N LEU D 133 1.42 -4.02 -20.20
CA LEU D 133 2.77 -4.52 -20.02
C LEU D 133 3.72 -3.79 -20.97
N ILE D 134 4.66 -3.04 -20.41
CA ILE D 134 5.61 -2.25 -21.16
C ILE D 134 6.98 -2.92 -21.07
N SER D 135 7.65 -3.08 -22.20
CA SER D 135 8.97 -3.67 -22.25
C SER D 135 9.74 -3.05 -23.40
N TRP D 136 11.02 -2.77 -23.17
CA TRP D 136 11.85 -2.10 -24.17
C TRP D 136 13.24 -2.72 -24.18
N ALA D 137 13.95 -2.50 -25.29
CA ALA D 137 15.27 -3.08 -25.47
C ALA D 137 15.96 -2.37 -26.62
N PHE D 138 17.29 -2.38 -26.60
CA PHE D 138 18.08 -1.70 -27.62
C PHE D 138 18.14 -2.58 -28.88
N THR D 139 17.64 -2.05 -30.00
CA THR D 139 17.72 -2.77 -31.27
C THR D 139 19.15 -2.84 -31.77
N ASP D 140 19.99 -1.87 -31.39
CA ASP D 140 21.39 -1.80 -31.81
C ASP D 140 22.26 -1.59 -30.59
N ARG D 141 23.42 -2.24 -30.58
CA ARG D 141 24.34 -2.11 -29.46
C ARG D 141 24.72 -0.64 -29.27
N PRO D 142 24.38 -0.02 -28.15
CA PRO D 142 24.69 1.40 -27.98
C PRO D 142 26.16 1.63 -27.64
N ASP D 143 26.73 2.65 -28.26
CA ASP D 143 28.14 3.01 -28.03
C ASP D 143 28.24 3.85 -26.76
N LEU D 144 28.18 3.16 -25.63
CA LEU D 144 28.29 3.83 -24.35
C LEU D 144 29.73 4.26 -24.08
N SER D 145 29.88 5.35 -23.34
CA SER D 145 31.16 5.78 -22.79
C SER D 145 30.91 6.12 -21.33
N LEU D 146 31.28 5.20 -20.44
CA LEU D 146 31.09 5.41 -19.01
C LEU D 146 32.42 5.21 -18.29
N THR D 147 32.48 5.78 -17.09
CA THR D 147 33.66 5.70 -16.25
C THR D 147 33.22 5.33 -14.83
N VAL D 148 34.11 4.66 -14.10
CA VAL D 148 33.83 4.19 -12.75
C VAL D 148 34.86 4.80 -11.81
N LEU D 149 34.39 5.42 -10.74
CA LEU D 149 35.25 6.02 -9.74
C LEU D 149 34.93 5.42 -8.37
N PRO D 150 35.92 5.02 -7.58
CA PRO D 150 35.63 4.56 -6.22
C PRO D 150 35.13 5.69 -5.34
N LYS D 151 34.48 5.29 -4.24
CA LYS D 151 34.02 6.23 -3.23
C LYS D 151 35.00 6.31 -2.05
N LEU D 152 36.25 5.87 -2.24
CA LEU D 152 37.23 5.84 -1.16
C LEU D 152 36.72 4.98 0.00
N GLU D 163 41.04 -3.74 -12.32
CA GLU D 163 39.83 -3.91 -11.52
C GLU D 163 38.75 -2.93 -11.97
N LEU D 164 39.09 -1.64 -11.95
CA LEU D 164 38.13 -0.62 -12.39
C LEU D 164 37.70 -0.84 -13.83
N SER D 165 38.62 -1.27 -14.68
CA SER D 165 38.29 -1.50 -16.08
C SER D 165 37.36 -2.69 -16.26
N THR D 166 37.51 -3.72 -15.43
CA THR D 166 36.65 -4.90 -15.54
C THR D 166 35.22 -4.59 -15.11
N ILE D 167 35.04 -3.68 -14.15
CA ILE D 167 33.70 -3.28 -13.76
C ILE D 167 33.00 -2.54 -14.89
N GLU D 168 33.74 -1.69 -15.61
CA GLU D 168 33.15 -0.97 -16.74
C GLU D 168 32.52 -1.95 -17.73
N GLU D 169 33.26 -3.01 -18.09
CA GLU D 169 32.75 -3.96 -19.07
C GLU D 169 31.54 -4.71 -18.54
N LEU D 170 31.51 -5.00 -17.24
CA LEU D 170 30.35 -5.66 -16.66
C LEU D 170 29.12 -4.76 -16.72
N ILE D 171 29.27 -3.50 -16.31
CA ILE D 171 28.16 -2.55 -16.39
C ILE D 171 27.73 -2.37 -17.85
N LYS D 172 28.70 -2.09 -18.74
CA LYS D 172 28.40 -1.97 -20.16
C LYS D 172 27.62 -3.18 -20.66
N ASP D 173 28.10 -4.38 -20.34
CA ASP D 173 27.45 -5.59 -20.81
C ASP D 173 26.01 -5.68 -20.30
N ALA D 174 25.78 -5.24 -19.06
CA ALA D 174 24.43 -5.28 -18.51
C ALA D 174 23.51 -4.32 -19.24
N ILE D 175 23.96 -3.10 -19.47
CA ILE D 175 23.11 -2.09 -20.08
C ILE D 175 22.77 -2.47 -21.52
N VAL D 176 23.63 -3.25 -22.17
CA VAL D 176 23.38 -3.66 -23.55
C VAL D 176 22.43 -4.85 -23.61
N SER D 177 22.56 -5.77 -22.65
CA SER D 177 21.82 -7.05 -22.74
C SER D 177 20.39 -6.93 -22.23
N THR D 178 20.14 -6.06 -21.26
CA THR D 178 18.86 -6.06 -20.57
C THR D 178 17.73 -5.60 -21.48
N GLN D 179 16.54 -6.16 -21.21
CA GLN D 179 15.31 -5.79 -21.89
C GLN D 179 14.25 -5.64 -20.81
N PRO D 180 14.23 -4.50 -20.11
CA PRO D 180 13.38 -4.37 -18.92
C PRO D 180 11.90 -4.54 -19.25
N ALA D 181 11.12 -4.68 -18.20
CA ALA D 181 9.68 -4.83 -18.32
C ALA D 181 9.01 -4.27 -17.06
N VAL D 184 1.62 -1.59 -15.74
CA VAL D 184 0.87 -0.37 -15.48
C VAL D 184 -0.61 -0.69 -15.53
N ASN D 185 -1.40 0.09 -14.78
CA ASN D 185 -2.84 -0.10 -14.76
C ASN D 185 -3.57 0.98 -15.55
N LEU E 18 -21.03 12.47 -13.43
CA LEU E 18 -21.53 11.73 -12.29
C LEU E 18 -22.12 10.40 -12.74
N ALA E 19 -23.22 10.47 -13.50
CA ALA E 19 -23.80 9.26 -14.07
C ALA E 19 -22.80 8.48 -14.90
N SER E 20 -21.72 9.12 -15.35
CA SER E 20 -20.64 8.41 -16.03
C SER E 20 -19.75 7.67 -15.05
N LEU E 21 -19.64 8.16 -13.81
CA LEU E 21 -18.79 7.51 -12.81
C LEU E 21 -19.48 6.30 -12.19
N PHE E 22 -20.77 6.42 -11.86
CA PHE E 22 -21.48 5.32 -11.22
C PHE E 22 -21.60 4.10 -12.12
N ALA E 23 -21.31 4.23 -13.41
CA ALA E 23 -21.27 3.06 -14.29
C ALA E 23 -19.98 2.25 -14.13
N PHE E 24 -19.02 2.75 -13.36
CA PHE E 24 -17.79 2.02 -13.07
C PHE E 24 -17.95 1.31 -11.73
N LYS E 25 -17.67 0.00 -11.73
CA LYS E 25 -17.78 -0.79 -10.51
C LYS E 25 -16.85 -0.26 -9.42
N SER E 26 -15.60 0.04 -9.79
CA SER E 26 -14.62 0.50 -8.80
C SER E 26 -15.12 1.73 -8.06
N PHE E 27 -15.68 2.70 -8.79
CA PHE E 27 -16.16 3.91 -8.14
C PHE E 27 -17.27 3.62 -7.14
N ARG E 28 -18.18 2.72 -7.49
CA ARG E 28 -19.29 2.40 -6.59
C ARG E 28 -18.77 1.77 -5.30
N GLU E 29 -17.70 0.98 -5.39
CA GLU E 29 -17.15 0.37 -4.18
C GLU E 29 -16.52 1.42 -3.27
N ASN E 30 -15.74 2.34 -3.84
CA ASN E 30 -15.14 3.40 -3.04
C ASN E 30 -16.20 4.38 -2.54
N TRP E 31 -17.26 4.59 -3.32
CA TRP E 31 -18.38 5.42 -2.87
C TRP E 31 -18.95 4.91 -1.55
N GLN E 32 -19.34 3.63 -1.53
CA GLN E 32 -19.91 3.06 -0.31
C GLN E 32 -18.89 3.03 0.82
N ARG E 33 -17.66 2.61 0.52
CA ARG E 33 -16.65 2.51 1.57
C ARG E 33 -16.42 3.86 2.23
N ALA E 34 -16.40 4.94 1.45
CA ALA E 34 -16.29 6.28 2.02
C ALA E 34 -17.51 6.62 2.87
N TRP E 35 -18.70 6.24 2.42
CA TRP E 35 -19.92 6.52 3.17
C TRP E 35 -19.86 5.88 4.55
N VAL E 36 -19.38 4.63 4.63
CA VAL E 36 -19.28 3.97 5.92
C VAL E 36 -18.24 4.66 6.81
N ARG E 37 -17.10 5.04 6.23
CA ARG E 37 -16.08 5.74 7.01
C ARG E 37 -16.66 6.99 7.65
N ALA E 38 -17.42 7.77 6.88
CA ALA E 38 -18.02 8.99 7.41
C ALA E 38 -19.04 8.68 8.49
N LEU E 39 -19.77 7.57 8.35
CA LEU E 39 -20.78 7.22 9.33
C LEU E 39 -20.15 6.86 10.67
N ASN E 40 -19.08 6.08 10.66
CA ASN E 40 -18.43 5.71 11.91
C ASN E 40 -17.86 6.92 12.63
N GLU E 41 -17.60 8.02 11.93
CA GLU E 41 -17.18 9.25 12.58
C GLU E 41 -18.36 9.94 13.27
N GLN E 42 -19.46 10.14 12.53
CA GLN E 42 -20.62 10.79 13.12
C GLN E 42 -21.15 10.01 14.32
N ALA E 43 -21.07 8.68 14.26
CA ALA E 43 -21.56 7.87 15.37
C ALA E 43 -20.64 7.99 16.58
N CYS E 44 -19.33 8.10 16.34
CA CYS E 44 -18.41 8.26 17.45
C CYS E 44 -18.58 9.59 18.15
N ARG E 45 -19.29 10.53 17.54
CA ARG E 45 -19.41 11.86 18.14
C ARG E 45 -20.57 11.96 19.10
N ASN E 46 -21.56 11.08 19.01
CA ASN E 46 -22.72 11.12 19.89
C ASN E 46 -23.17 9.71 20.19
N GLY E 47 -23.65 9.49 21.41
CA GLY E 47 -24.13 8.19 21.83
C GLY E 47 -23.67 7.80 23.21
N SER E 49 -22.07 5.81 26.29
CA SER E 49 -21.06 4.76 26.34
C SER E 49 -21.47 3.57 25.46
N ILE E 50 -22.60 3.71 24.77
CA ILE E 50 -23.06 2.74 23.80
C ILE E 50 -22.65 3.25 22.43
N GLN E 51 -21.56 2.70 21.90
CA GLN E 51 -21.02 3.12 20.61
C GLN E 51 -21.45 2.13 19.54
N ILE E 52 -21.91 2.65 18.40
CA ILE E 52 -22.29 1.84 17.26
C ILE E 52 -21.24 2.00 16.17
N ALA E 53 -21.13 0.97 15.33
CA ALA E 53 -20.14 0.97 14.26
C ALA E 53 -20.70 0.21 13.06
N PHE E 54 -20.68 0.86 11.90
CA PHE E 54 -20.99 0.18 10.64
C PHE E 54 -19.74 -0.58 10.21
N GLU E 55 -19.80 -1.90 10.26
CA GLU E 55 -18.60 -2.72 10.07
C GLU E 55 -18.27 -2.88 8.59
N GLU E 56 -19.02 -3.72 7.89
CA GLU E 56 -18.71 -4.07 6.52
C GLU E 56 -19.38 -3.11 5.55
N VAL E 57 -18.76 -2.98 4.38
CA VAL E 57 -19.42 -2.30 3.25
C VAL E 57 -20.75 -3.00 3.04
N PRO E 58 -21.86 -2.28 2.88
CA PRO E 58 -23.15 -2.96 2.76
C PRO E 58 -23.17 -3.93 1.59
N GLN E 59 -23.77 -5.10 1.84
CA GLN E 59 -24.00 -6.05 0.76
C GLN E 59 -24.70 -5.34 -0.40
N LEU E 60 -24.36 -5.75 -1.61
CA LEU E 60 -24.88 -5.09 -2.80
C LEU E 60 -26.40 -4.92 -2.69
N PRO E 61 -26.93 -3.74 -2.97
CA PRO E 61 -28.36 -3.53 -2.84
C PRO E 61 -29.11 -4.24 -3.96
N PRO E 62 -30.21 -4.94 -3.65
CA PRO E 62 -31.01 -5.54 -4.73
C PRO E 62 -31.39 -4.56 -5.81
N ARG E 63 -31.68 -3.31 -5.44
CA ARG E 63 -31.93 -2.27 -6.43
C ARG E 63 -31.51 -0.93 -5.85
N ALA E 64 -30.91 -0.09 -6.70
CA ALA E 64 -30.50 1.24 -6.31
C ALA E 64 -30.48 2.11 -7.57
N SER E 65 -30.72 3.41 -7.38
CA SER E 65 -30.89 4.31 -8.51
C SER E 65 -30.54 5.74 -8.12
N ILE E 66 -29.84 6.42 -9.03
CA ILE E 66 -29.75 7.88 -9.04
C ILE E 66 -30.43 8.37 -10.31
N SER E 67 -31.28 9.39 -10.17
CA SER E 67 -32.06 9.88 -11.30
C SER E 67 -32.21 11.39 -11.18
N HIS E 68 -32.63 12.01 -12.28
CA HIS E 68 -32.87 13.45 -12.33
C HIS E 68 -31.60 14.22 -11.96
N VAL E 69 -30.46 13.75 -12.45
CA VAL E 69 -29.19 14.40 -12.18
C VAL E 69 -29.15 15.73 -12.93
N THR E 70 -28.98 16.82 -12.19
CA THR E 70 -28.96 18.16 -12.77
C THR E 70 -27.79 18.95 -12.19
N CYS E 71 -27.31 19.91 -12.97
CA CYS E 71 -26.23 20.80 -12.55
C CYS E 71 -26.85 22.10 -12.04
N VAL E 72 -26.73 22.35 -10.74
CA VAL E 72 -27.35 23.51 -10.12
C VAL E 72 -26.38 24.67 -9.93
N ASP E 73 -25.07 24.41 -9.99
CA ASP E 73 -24.10 25.49 -9.85
C ASP E 73 -22.76 25.01 -10.39
N GLN E 74 -22.00 25.95 -10.96
CA GLN E 74 -20.74 25.65 -11.60
C GLN E 74 -19.74 26.74 -11.28
N SER E 75 -18.47 26.34 -11.08
CA SER E 75 -17.41 27.27 -10.75
C SER E 75 -16.18 26.92 -11.58
N GLU E 76 -15.12 27.72 -11.41
CA GLU E 76 -13.87 27.43 -12.10
C GLU E 76 -13.23 26.14 -11.59
N HIS E 77 -13.40 25.83 -10.31
CA HIS E 77 -12.81 24.64 -9.72
C HIS E 77 -13.82 23.76 -8.98
N THR E 78 -15.09 24.11 -8.97
CA THR E 78 -16.07 23.33 -8.22
C THR E 78 -17.36 23.17 -9.05
N VAL E 80 -21.70 21.59 -8.53
CA VAL E 80 -22.74 21.26 -7.56
C VAL E 80 -23.86 20.55 -8.31
N LEU E 81 -24.15 19.30 -7.92
CA LEU E 81 -25.19 18.50 -8.54
C LEU E 81 -26.26 18.14 -7.52
N ARG E 82 -27.48 17.97 -8.01
CA ARG E 82 -28.58 17.44 -7.22
C ARG E 82 -29.23 16.30 -7.99
N CYS E 83 -29.58 15.23 -7.27
CA CYS E 83 -30.15 14.05 -7.89
C CYS E 83 -31.11 13.38 -6.90
N GLN E 84 -31.73 12.30 -7.36
CA GLN E 84 -32.67 11.51 -6.56
C GLN E 84 -32.05 10.14 -6.30
N LEU E 85 -31.64 9.90 -5.06
CA LEU E 85 -31.07 8.61 -4.66
C LEU E 85 -32.15 7.71 -4.08
N SER E 86 -32.10 6.43 -4.42
CA SER E 86 -33.04 5.46 -3.88
C SER E 86 -32.40 4.07 -3.88
N ALA E 87 -32.65 3.32 -2.82
CA ALA E 87 -32.14 1.95 -2.69
C ALA E 87 -33.18 1.11 -1.96
N GLU E 88 -33.33 -0.14 -2.40
CA GLU E 88 -34.33 -1.05 -1.87
C GLU E 88 -33.65 -2.24 -1.21
N GLU E 89 -34.12 -2.60 -0.01
CA GLU E 89 -33.72 -3.83 0.66
C GLU E 89 -32.22 -3.88 0.89
N VAL E 90 -31.62 -2.74 1.25
CA VAL E 90 -30.21 -2.70 1.61
C VAL E 90 -30.00 -3.47 2.91
N ARG E 91 -28.93 -4.24 2.97
CA ARG E 91 -28.58 -5.02 4.15
C ARG E 91 -27.13 -4.77 4.53
N PHE E 92 -26.89 -4.58 5.82
CA PHE E 92 -25.55 -4.33 6.31
C PHE E 92 -25.52 -4.59 7.81
N PRO E 93 -24.38 -5.03 8.35
CA PRO E 93 -24.29 -5.29 9.79
C PRO E 93 -23.87 -4.06 10.59
N VAL E 94 -24.30 -4.04 11.84
CA VAL E 94 -23.93 -3.00 12.79
C VAL E 94 -23.52 -3.66 14.10
N SER E 95 -22.51 -3.11 14.75
CA SER E 95 -21.99 -3.63 16.01
C SER E 95 -22.18 -2.60 17.11
N VAL E 96 -22.73 -3.04 18.25
CA VAL E 96 -22.92 -2.19 19.42
C VAL E 96 -21.89 -2.59 20.46
N THR E 97 -20.99 -1.67 20.79
CA THR E 97 -19.91 -1.93 21.74
C THR E 97 -20.17 -1.16 23.02
N GLN E 98 -20.04 -1.85 24.15
CA GLN E 98 -20.22 -1.24 25.46
C GLN E 98 -18.93 -1.40 26.25
N GLN E 99 -18.33 -0.27 26.63
CA GLN E 99 -17.14 -0.29 27.46
C GLN E 99 -17.53 -0.20 28.93
N SER E 100 -16.72 -0.81 29.77
CA SER E 100 -17.01 -0.89 31.20
C SER E 100 -15.72 -1.16 31.97
N PRO E 101 -15.76 -1.31 33.30
CA PRO E 101 -14.52 -1.51 34.05
C PRO E 101 -13.67 -2.67 33.54
N ALA E 102 -12.54 -2.33 32.91
CA ALA E 102 -11.58 -3.32 32.42
C ALA E 102 -12.26 -4.39 31.57
N ALA E 103 -13.19 -3.96 30.72
CA ALA E 103 -13.96 -4.90 29.92
C ALA E 103 -14.55 -4.19 28.71
N VAL E 104 -14.62 -4.90 27.59
CA VAL E 104 -15.29 -4.45 26.39
C VAL E 104 -16.24 -5.55 25.95
N SER E 105 -17.48 -5.18 25.62
CA SER E 105 -18.47 -6.14 25.16
C SER E 105 -19.05 -5.64 23.84
N GLU E 107 -21.88 -6.64 20.45
CA GLU E 107 -22.95 -7.43 19.86
C GLU E 107 -23.29 -6.86 18.50
N THR E 108 -23.44 -7.75 17.51
CA THR E 108 -23.69 -7.34 16.14
C THR E 108 -25.13 -7.66 15.75
N TYR E 109 -25.67 -6.86 14.83
CA TYR E 109 -27.06 -6.97 14.41
C TYR E 109 -27.14 -6.91 12.89
N HIS E 110 -28.21 -7.49 12.36
CA HIS E 110 -28.53 -7.39 10.95
C HIS E 110 -29.45 -6.20 10.73
N VAL E 111 -28.99 -5.21 9.97
CA VAL E 111 -29.78 -4.03 9.66
C VAL E 111 -30.25 -4.14 8.23
N THR E 112 -31.54 -3.92 8.02
CA THR E 112 -32.12 -3.86 6.69
C THR E 112 -32.70 -2.47 6.48
N LEU E 113 -32.41 -1.88 5.33
CA LEU E 113 -32.72 -0.48 5.06
C LEU E 113 -33.42 -0.35 3.72
N THR E 114 -34.45 0.49 3.69
CA THR E 114 -35.11 0.87 2.45
C THR E 114 -35.12 2.40 2.36
N LEU E 115 -34.58 2.93 1.26
CA LEU E 115 -34.46 4.37 1.07
C LEU E 115 -35.27 4.79 -0.15
N PRO E 116 -36.47 5.33 0.03
CA PRO E 116 -37.26 5.78 -1.13
C PRO E 116 -36.58 6.96 -1.81
N PRO E 117 -37.02 7.33 -3.02
CA PRO E 117 -36.35 8.42 -3.74
C PRO E 117 -36.30 9.71 -2.94
N THR E 118 -35.09 10.10 -2.52
CA THR E 118 -34.87 11.35 -1.83
C THR E 118 -33.75 12.12 -2.53
N GLN E 119 -33.67 13.41 -2.25
CA GLN E 119 -32.72 14.30 -2.91
C GLN E 119 -31.47 14.44 -2.06
N LEU E 120 -30.30 14.26 -2.67
CA LEU E 120 -29.04 14.64 -2.06
C LEU E 120 -28.28 15.57 -2.98
N GLU E 121 -27.36 16.32 -2.39
CA GLU E 121 -26.52 17.26 -3.12
C GLU E 121 -25.10 16.71 -3.20
N VAL E 122 -24.48 16.82 -4.37
CA VAL E 122 -23.11 16.34 -4.58
C VAL E 122 -22.24 17.54 -4.93
N ASN E 123 -21.11 17.66 -4.24
CA ASN E 123 -20.17 18.76 -4.46
C ASN E 123 -18.86 18.20 -4.99
N LEU E 124 -18.45 18.68 -6.16
CA LEU E 124 -17.17 18.34 -6.76
C LEU E 124 -16.25 19.55 -6.68
N GLU E 125 -15.06 19.36 -6.13
CA GLU E 125 -14.11 20.45 -5.93
C GLU E 125 -12.70 19.97 -6.23
N GLU E 126 -12.01 20.69 -7.12
CA GLU E 126 -10.63 20.37 -7.46
C GLU E 126 -9.69 20.89 -6.38
N ILE E 127 -8.85 20.01 -5.86
CA ILE E 127 -7.88 20.34 -4.82
C ILE E 127 -6.49 20.31 -5.46
N PRO E 128 -5.70 21.38 -5.36
CA PRO E 128 -4.40 21.39 -6.03
C PRO E 128 -3.44 20.39 -5.41
N GLY E 129 -2.88 19.52 -6.26
CA GLY E 129 -1.92 18.54 -5.84
C GLY E 129 -2.50 17.28 -5.24
N GLU E 130 -3.81 17.19 -5.10
CA GLU E 130 -4.45 16.04 -4.49
C GLU E 130 -5.49 15.36 -5.37
N GLY E 131 -6.29 16.15 -6.11
CA GLY E 131 -7.25 15.58 -7.02
C GLY E 131 -8.62 16.22 -6.94
N LEU E 132 -9.67 15.40 -7.07
CA LEU E 132 -11.05 15.86 -7.06
C LEU E 132 -11.72 15.41 -5.77
N LEU E 133 -12.18 16.36 -4.97
CA LEU E 133 -12.84 16.06 -3.70
C LEU E 133 -14.35 15.97 -3.95
N ILE E 134 -14.91 14.78 -3.77
CA ILE E 134 -16.34 14.55 -3.91
C ILE E 134 -16.95 14.45 -2.51
N SER E 135 -18.13 15.05 -2.35
CA SER E 135 -18.82 15.06 -1.07
C SER E 135 -20.31 15.23 -1.32
N TRP E 136 -21.12 14.49 -0.56
CA TRP E 136 -22.56 14.51 -0.76
C TRP E 136 -23.28 14.48 0.57
N ALA E 137 -24.56 14.82 0.54
CA ALA E 137 -25.37 14.91 1.74
C ALA E 137 -26.83 15.08 1.34
N PHE E 138 -27.73 14.63 2.21
CA PHE E 138 -29.16 14.72 1.94
C PHE E 138 -29.62 16.17 2.13
N THR E 139 -30.35 16.70 1.14
CA THR E 139 -30.87 18.06 1.25
C THR E 139 -31.99 18.13 2.29
N ASP E 140 -32.82 17.10 2.37
CA ASP E 140 -33.84 16.99 3.39
C ASP E 140 -33.81 15.60 4.00
N ARG E 141 -34.61 15.40 5.03
CA ARG E 141 -34.59 14.15 5.77
C ARG E 141 -35.20 13.03 4.94
N PRO E 142 -34.49 11.92 4.70
CA PRO E 142 -35.09 10.81 3.97
C PRO E 142 -35.99 9.97 4.88
N ASP E 143 -37.14 9.56 4.33
CA ASP E 143 -38.05 8.73 5.09
C ASP E 143 -37.50 7.32 5.18
N LEU E 144 -36.42 7.16 5.95
CA LEU E 144 -35.82 5.85 6.13
C LEU E 144 -36.80 4.90 6.81
N SER E 145 -36.86 3.67 6.30
CA SER E 145 -37.54 2.58 6.96
C SER E 145 -36.52 1.46 7.12
N LEU E 146 -36.02 1.26 8.34
CA LEU E 146 -35.03 0.24 8.62
C LEU E 146 -35.43 -0.56 9.84
N THR E 147 -34.97 -1.81 9.88
CA THR E 147 -35.25 -2.74 10.96
C THR E 147 -33.95 -3.37 11.43
N VAL E 148 -33.88 -3.66 12.73
CA VAL E 148 -32.69 -4.23 13.34
C VAL E 148 -33.05 -5.60 13.90
N LEU E 149 -32.34 -6.63 13.44
CA LEU E 149 -32.49 -7.99 13.92
C LEU E 149 -31.25 -8.41 14.69
N PRO E 150 -31.39 -9.09 15.83
CA PRO E 150 -30.21 -9.66 16.49
C PRO E 150 -29.67 -10.85 15.72
N LYS E 151 -28.38 -11.13 15.93
CA LYS E 151 -27.75 -12.34 15.43
C LYS E 151 -27.77 -13.47 16.45
N LEU E 152 -28.82 -13.55 17.26
CA LEU E 152 -28.86 -14.50 18.38
C LEU E 152 -27.71 -14.24 19.34
N GLU E 163 -34.48 -1.46 23.53
CA GLU E 163 -33.10 -1.69 23.12
C GLU E 163 -32.95 -1.56 21.60
N LEU E 164 -33.71 -2.37 20.86
CA LEU E 164 -33.61 -2.33 19.40
C LEU E 164 -34.11 -1.01 18.84
N SER E 165 -35.11 -0.39 19.49
CA SER E 165 -35.64 0.87 18.99
C SER E 165 -34.61 1.99 19.09
N THR E 166 -33.72 1.95 20.09
CA THR E 166 -32.72 2.99 20.23
C THR E 166 -31.60 2.84 19.21
N ILE E 167 -31.20 1.59 18.92
CA ILE E 167 -30.23 1.36 17.86
C ILE E 167 -30.77 1.87 16.53
N GLU E 168 -32.05 1.61 16.26
CA GLU E 168 -32.66 2.12 15.03
C GLU E 168 -32.51 3.63 14.93
N GLU E 169 -32.65 4.34 16.06
CA GLU E 169 -32.54 5.79 16.03
C GLU E 169 -31.09 6.23 15.84
N LEU E 170 -30.18 5.65 16.62
CA LEU E 170 -28.76 5.97 16.45
C LEU E 170 -28.31 5.75 15.01
N ILE E 171 -28.77 4.66 14.40
CA ILE E 171 -28.42 4.40 13.00
C ILE E 171 -29.08 5.44 12.09
N LYS E 172 -30.37 5.69 12.29
CA LYS E 172 -31.05 6.69 11.47
C LYS E 172 -30.45 8.08 11.69
N ASP E 173 -30.14 8.42 12.94
CA ASP E 173 -29.53 9.72 13.21
C ASP E 173 -28.24 9.90 12.44
N ALA E 174 -27.43 8.83 12.34
CA ALA E 174 -26.17 8.91 11.61
C ALA E 174 -26.41 9.07 10.11
N ILE E 175 -27.31 8.26 9.55
CA ILE E 175 -27.53 8.28 8.11
C ILE E 175 -28.07 9.63 7.67
N VAL E 176 -28.92 10.25 8.48
CA VAL E 176 -29.51 11.53 8.11
C VAL E 176 -28.49 12.65 8.22
N SER E 177 -27.61 12.58 9.23
CA SER E 177 -26.70 13.68 9.54
C SER E 177 -25.42 13.68 8.71
N THR E 178 -24.93 12.50 8.34
CA THR E 178 -23.60 12.42 7.74
C THR E 178 -23.54 13.08 6.38
N GLN E 179 -22.34 13.57 6.05
CA GLN E 179 -22.05 14.16 4.75
C GLN E 179 -20.70 13.60 4.31
N PRO E 180 -20.70 12.43 3.68
CA PRO E 180 -19.42 11.76 3.38
C PRO E 180 -18.57 12.56 2.40
N ALA E 181 -17.32 12.15 2.30
CA ALA E 181 -16.38 12.74 1.36
C ALA E 181 -15.38 11.69 0.91
N VAL E 184 -10.74 11.69 -5.22
CA VAL E 184 -10.60 11.01 -6.50
C VAL E 184 -9.56 11.76 -7.33
N ASN E 185 -8.92 11.04 -8.24
CA ASN E 185 -7.88 11.64 -9.08
C ASN E 185 -8.42 12.07 -10.45
N ALA F 19 3.15 23.76 14.79
CA ALA F 19 4.42 23.47 15.45
C ALA F 19 4.45 22.03 15.96
N SER F 20 3.29 21.55 16.41
CA SER F 20 3.20 20.19 16.91
C SER F 20 3.43 19.17 15.81
N LEU F 21 3.14 19.52 14.56
CA LEU F 21 3.36 18.62 13.42
C LEU F 21 4.76 18.78 12.85
N PHE F 22 5.16 20.01 12.53
CA PHE F 22 6.47 20.29 11.98
C PHE F 22 7.57 19.83 12.94
N PHE F 24 7.40 16.58 13.56
CA PHE F 24 7.55 15.22 13.06
C PHE F 24 8.28 15.21 11.72
N LYS F 25 9.27 14.32 11.59
CA LYS F 25 10.03 14.22 10.35
C LYS F 25 9.14 13.78 9.20
N SER F 26 8.24 12.82 9.44
CA SER F 26 7.37 12.32 8.38
C SER F 26 6.46 13.43 7.84
N PHE F 27 6.07 14.37 8.70
CA PHE F 27 5.20 15.46 8.26
C PHE F 27 5.96 16.50 7.45
N ARG F 28 7.26 16.68 7.73
CA ARG F 28 8.05 17.64 6.97
C ARG F 28 8.38 17.11 5.58
N GLU F 29 8.59 15.79 5.46
CA GLU F 29 8.87 15.21 4.15
C GLU F 29 7.65 15.25 3.25
N ASN F 30 6.46 15.00 3.81
CA ASN F 30 5.24 15.12 3.03
C ASN F 30 4.87 16.57 2.79
N TRP F 31 5.25 17.46 3.71
CA TRP F 31 5.01 18.89 3.54
C TRP F 31 5.67 19.39 2.26
N GLN F 32 6.96 19.09 2.09
CA GLN F 32 7.67 19.53 0.89
C GLN F 32 7.17 18.79 -0.35
N ARG F 33 6.89 17.49 -0.22
CA ARG F 33 6.45 16.71 -1.37
C ARG F 33 5.13 17.25 -1.93
N ALA F 34 4.22 17.68 -1.05
CA ALA F 34 2.95 18.23 -1.52
C ALA F 34 3.15 19.58 -2.19
N TRP F 35 4.13 20.36 -1.74
CA TRP F 35 4.43 21.63 -2.40
C TRP F 35 4.84 21.40 -3.85
N VAL F 36 5.68 20.39 -4.08
CA VAL F 36 6.16 20.08 -5.43
C VAL F 36 4.98 19.69 -6.32
N ARG F 37 4.12 18.80 -5.82
CA ARG F 37 2.94 18.41 -6.58
C ARG F 37 2.17 19.64 -7.04
N ALA F 38 1.79 20.50 -6.11
CA ALA F 38 1.03 21.70 -6.45
C ALA F 38 1.84 22.64 -7.34
N LEU F 39 3.16 22.65 -7.19
CA LEU F 39 3.99 23.50 -8.03
C LEU F 39 3.94 23.05 -9.48
N ASN F 40 4.05 21.75 -9.72
CA ASN F 40 4.06 21.24 -11.09
C ASN F 40 2.70 21.43 -11.76
N GLU F 41 1.61 21.38 -10.99
CA GLU F 41 0.30 21.61 -11.57
C GLU F 41 0.17 23.05 -12.07
N GLN F 42 0.66 24.02 -11.29
CA GLN F 42 0.61 25.41 -11.72
C GLN F 42 1.59 25.68 -12.87
N ALA F 43 2.62 24.86 -13.02
CA ALA F 43 3.58 25.08 -14.09
C ALA F 43 2.95 24.90 -15.47
N CYS F 44 1.97 24.00 -15.59
CA CYS F 44 1.27 23.78 -16.85
C CYS F 44 0.42 24.98 -17.27
N ARG F 45 0.50 26.11 -16.59
CA ARG F 45 -0.27 27.30 -16.96
C ARG F 45 0.32 27.98 -18.20
N ILE F 50 7.44 25.29 -23.49
CA ILE F 50 8.55 25.24 -22.54
C ILE F 50 8.03 24.88 -21.15
N GLN F 51 7.52 23.65 -21.01
CA GLN F 51 6.97 23.21 -19.74
C GLN F 51 8.10 23.01 -18.72
N ILE F 52 7.86 23.50 -17.50
CA ILE F 52 8.81 23.40 -16.41
C ILE F 52 8.26 22.43 -15.37
N ALA F 53 9.18 21.80 -14.63
CA ALA F 53 8.79 20.84 -13.61
C ALA F 53 9.86 20.82 -12.51
N PHE F 54 9.42 20.61 -11.28
CA PHE F 54 10.28 20.68 -10.10
C PHE F 54 10.84 19.33 -9.68
N GLU F 55 10.32 18.23 -10.22
CA GLU F 55 10.94 16.92 -10.04
C GLU F 55 11.17 16.58 -8.58
N GLU F 56 12.43 16.38 -8.19
CA GLU F 56 12.74 15.78 -6.90
C GLU F 56 12.41 16.72 -5.76
N VAL F 57 12.27 16.13 -4.57
CA VAL F 57 11.99 16.88 -3.34
C VAL F 57 13.28 17.57 -2.89
N PRO F 58 13.22 18.83 -2.45
CA PRO F 58 14.42 19.45 -1.85
C PRO F 58 14.98 18.59 -0.73
N GLN F 59 16.25 18.19 -0.86
CA GLN F 59 16.85 17.24 0.08
C GLN F 59 16.58 17.64 1.52
N LEU F 60 17.12 18.78 1.94
CA LEU F 60 16.93 19.28 3.29
C LEU F 60 17.55 20.66 3.38
N PRO F 61 16.79 21.69 3.73
CA PRO F 61 17.31 23.05 3.67
C PRO F 61 18.38 23.28 4.72
N PRO F 62 19.48 23.96 4.38
CA PRO F 62 20.52 24.23 5.39
C PRO F 62 19.98 24.88 6.64
N ARG F 63 19.04 25.82 6.49
CA ARG F 63 18.42 26.46 7.63
C ARG F 63 17.03 26.94 7.24
N ALA F 64 16.04 26.60 8.05
CA ALA F 64 14.66 27.03 7.83
C ALA F 64 14.00 27.27 9.18
N SER F 65 12.90 28.01 9.17
CA SER F 65 12.23 28.36 10.41
C SER F 65 10.80 28.79 10.13
N ILE F 66 9.91 28.46 11.06
CA ILE F 66 8.57 29.01 11.13
C ILE F 66 8.43 29.69 12.48
N SER F 67 7.93 30.93 12.48
CA SER F 67 7.89 31.73 13.69
C SER F 67 6.59 32.53 13.74
N HIS F 68 6.29 33.03 14.94
CA HIS F 68 5.12 33.89 15.15
C HIS F 68 3.83 33.16 14.77
N VAL F 69 3.74 31.89 15.11
CA VAL F 69 2.54 31.11 14.82
C VAL F 69 1.41 31.62 15.70
N THR F 70 0.32 32.04 15.05
CA THR F 70 -0.83 32.58 15.76
C THR F 70 -2.11 32.03 15.15
N CYS F 71 -3.10 31.78 16.01
CA CYS F 71 -4.40 31.26 15.58
C CYS F 71 -5.33 32.45 15.33
N VAL F 72 -5.71 32.65 14.07
CA VAL F 72 -6.55 33.78 13.71
C VAL F 72 -8.04 33.44 13.74
N ASP F 73 -8.40 32.17 13.63
CA ASP F 73 -9.80 31.77 13.69
C ASP F 73 -9.87 30.26 13.86
N GLN F 74 -10.96 29.80 14.47
CA GLN F 74 -11.11 28.40 14.84
C GLN F 74 -12.56 27.99 14.65
N SER F 75 -12.78 26.69 14.45
CA SER F 75 -14.11 26.17 14.22
C SER F 75 -14.18 24.74 14.73
N GLU F 76 -15.37 24.15 14.67
CA GLU F 76 -15.54 22.77 15.10
C GLU F 76 -14.71 21.83 14.24
N HIS F 77 -14.58 22.14 12.94
CA HIS F 77 -13.87 21.27 12.01
C HIS F 77 -12.84 22.00 11.16
N THR F 78 -12.65 23.30 11.36
CA THR F 78 -11.65 24.06 10.60
C THR F 78 -10.84 24.93 11.55
N VAL F 80 -7.48 28.13 11.23
CA VAL F 80 -6.72 29.01 10.34
C VAL F 80 -5.55 29.58 11.14
N LEU F 81 -4.34 29.37 10.63
CA LEU F 81 -3.12 29.83 11.28
C LEU F 81 -2.35 30.77 10.36
N ARG F 82 -1.54 31.62 10.98
CA ARG F 82 -0.61 32.48 10.26
C ARG F 82 0.75 32.42 10.94
N CYS F 83 1.81 32.56 10.14
CA CYS F 83 3.17 32.47 10.67
C CYS F 83 4.13 33.04 9.64
N GLN F 84 5.36 33.28 10.08
CA GLN F 84 6.45 33.69 9.21
C GLN F 84 7.28 32.48 8.82
N LEU F 85 7.49 32.28 7.53
CA LEU F 85 8.31 31.20 7.02
C LEU F 85 9.59 31.75 6.42
N SER F 86 10.70 31.04 6.62
CA SER F 86 11.99 31.43 6.06
C SER F 86 12.82 30.20 5.77
N ALA F 87 13.58 30.23 4.68
CA ALA F 87 14.50 29.17 4.32
C ALA F 87 15.70 29.79 3.62
N GLU F 88 16.86 29.17 3.81
CA GLU F 88 18.12 29.71 3.31
C GLU F 88 18.86 28.65 2.50
N GLU F 89 19.28 29.03 1.29
CA GLU F 89 20.10 28.17 0.44
C GLU F 89 19.42 26.82 0.18
N VAL F 90 18.15 26.89 -0.19
CA VAL F 90 17.40 25.69 -0.57
C VAL F 90 17.81 25.28 -1.97
N ARG F 91 18.29 24.06 -2.12
CA ARG F 91 18.78 23.56 -3.40
C ARG F 91 17.88 22.45 -3.90
N PHE F 92 17.37 22.60 -5.12
CA PHE F 92 16.49 21.62 -5.73
C PHE F 92 16.61 21.71 -7.24
N PRO F 93 16.40 20.61 -7.95
CA PRO F 93 16.51 20.62 -9.42
C PRO F 93 15.21 21.04 -10.10
N VAL F 94 15.36 21.54 -11.32
CA VAL F 94 14.24 21.91 -12.18
C VAL F 94 14.54 21.41 -13.58
N SER F 95 13.51 20.95 -14.29
CA SER F 95 13.66 20.40 -15.62
C SER F 95 12.83 21.21 -16.60
N VAL F 96 13.45 21.60 -17.71
CA VAL F 96 12.77 22.28 -18.81
C VAL F 96 12.55 21.26 -19.91
N THR F 97 11.29 21.03 -20.26
CA THR F 97 10.90 20.01 -21.21
C THR F 97 10.36 20.67 -22.47
N GLN F 98 11.02 20.43 -23.60
CA GLN F 98 10.62 20.98 -24.89
C GLN F 98 10.10 19.85 -25.77
N GLN F 99 8.85 19.96 -26.18
CA GLN F 99 8.20 18.94 -26.99
C GLN F 99 8.31 19.32 -28.47
N SER F 100 8.67 18.35 -29.29
CA SER F 100 8.87 18.55 -30.73
C SER F 100 8.17 17.46 -31.50
N PRO F 101 8.00 17.64 -32.82
CA PRO F 101 7.38 16.59 -33.64
C PRO F 101 8.13 15.27 -33.51
N ALA F 102 7.44 14.26 -32.99
CA ALA F 102 7.98 12.92 -32.83
C ALA F 102 9.24 12.92 -31.95
N ALA F 103 9.30 13.82 -30.98
CA ALA F 103 10.48 13.92 -30.13
C ALA F 103 10.14 14.71 -28.88
N VAL F 104 10.91 14.44 -27.82
CA VAL F 104 10.80 15.17 -26.55
C VAL F 104 12.20 15.37 -26.01
N SER F 105 12.58 16.61 -25.79
CA SER F 105 13.87 16.96 -25.21
C SER F 105 13.68 17.44 -23.78
N GLU F 107 16.09 19.05 -20.37
CA GLU F 107 17.30 19.50 -19.71
C GLU F 107 16.97 19.93 -18.29
N THR F 108 17.91 19.68 -17.38
CA THR F 108 17.71 19.96 -15.96
C THR F 108 18.72 20.98 -15.46
N TYR F 109 18.30 21.76 -14.45
CA TYR F 109 19.10 22.83 -13.89
C TYR F 109 19.11 22.72 -12.37
N HIS F 110 20.13 23.34 -11.76
CA HIS F 110 20.25 23.44 -10.32
C HIS F 110 19.71 24.80 -9.88
N VAL F 111 18.74 24.79 -8.96
CA VAL F 111 18.16 26.00 -8.41
C VAL F 111 18.61 26.14 -6.97
N THR F 112 19.03 27.35 -6.59
CA THR F 112 19.38 27.68 -5.21
C THR F 112 18.49 28.83 -4.77
N LEU F 113 17.79 28.64 -3.65
CA LEU F 113 16.71 29.54 -3.25
C LEU F 113 16.89 29.96 -1.80
N THR F 114 16.74 31.26 -1.54
CA THR F 114 16.71 31.81 -0.19
C THR F 114 15.41 32.57 0.00
N LEU F 115 14.68 32.23 1.05
CA LEU F 115 13.37 32.79 1.32
C LEU F 115 13.42 33.65 2.58
N PRO F 116 13.37 34.97 2.49
CA PRO F 116 13.37 35.80 3.70
C PRO F 116 12.07 35.63 4.46
N PRO F 117 12.00 36.06 5.72
CA PRO F 117 10.77 35.88 6.48
C PRO F 117 9.56 36.51 5.81
N THR F 118 8.63 35.68 5.36
CA THR F 118 7.38 36.12 4.78
C THR F 118 6.24 35.37 5.44
N GLN F 119 5.05 35.93 5.33
CA GLN F 119 3.87 35.40 6.00
C GLN F 119 3.08 34.52 5.03
N LEU F 120 2.72 33.33 5.48
CA LEU F 120 1.75 32.49 4.78
C LEU F 120 0.63 32.12 5.74
N GLU F 121 -0.52 31.77 5.16
CA GLU F 121 -1.71 31.43 5.91
C GLU F 121 -2.02 29.95 5.72
N VAL F 122 -2.22 29.23 6.82
CA VAL F 122 -2.45 27.79 6.81
C VAL F 122 -3.90 27.53 7.19
N ASN F 123 -4.60 26.76 6.36
CA ASN F 123 -5.98 26.35 6.62
C ASN F 123 -6.01 24.87 6.91
N LEU F 124 -6.59 24.51 8.06
CA LEU F 124 -6.79 23.12 8.45
C LEU F 124 -8.27 22.82 8.47
N GLU F 125 -8.67 21.69 7.89
CA GLU F 125 -10.08 21.32 7.81
C GLU F 125 -10.21 19.82 7.96
N GLU F 126 -11.17 19.40 8.79
CA GLU F 126 -11.47 17.99 8.96
C GLU F 126 -12.42 17.54 7.86
N ILE F 127 -11.99 16.56 7.08
CA ILE F 127 -12.78 16.00 5.99
C ILE F 127 -13.34 14.66 6.46
N PRO F 128 -14.66 14.48 6.51
CA PRO F 128 -15.22 13.23 7.06
C PRO F 128 -14.85 12.04 6.18
N GLY F 129 -14.26 11.02 6.81
CA GLY F 129 -13.90 9.80 6.10
C GLY F 129 -12.60 9.86 5.34
N GLU F 130 -11.83 10.94 5.47
CA GLU F 130 -10.57 11.04 4.74
C GLU F 130 -9.44 11.49 5.67
N GLY F 131 -9.65 12.55 6.43
CA GLY F 131 -8.68 12.99 7.41
C GLY F 131 -8.68 14.51 7.52
N LEU F 132 -7.48 15.07 7.70
CA LEU F 132 -7.27 16.49 7.91
C LEU F 132 -6.62 17.09 6.68
N LEU F 133 -7.33 18.02 6.02
CA LEU F 133 -6.83 18.66 4.81
C LEU F 133 -6.13 19.96 5.18
N ILE F 134 -4.84 20.04 4.87
CA ILE F 134 -4.02 21.21 5.16
C ILE F 134 -3.75 21.95 3.85
N SER F 135 -3.94 23.26 3.87
CA SER F 135 -3.66 24.11 2.73
C SER F 135 -2.92 25.36 3.21
N TRP F 136 -2.00 25.85 2.39
CA TRP F 136 -1.27 27.05 2.76
C TRP F 136 -0.94 27.87 1.51
N ALA F 137 -0.59 29.13 1.74
CA ALA F 137 -0.32 30.07 0.67
C ALA F 137 0.28 31.33 1.29
N PHE F 138 1.19 31.97 0.53
CA PHE F 138 1.79 33.22 1.00
C PHE F 138 0.75 34.32 1.02
N THR F 139 0.74 35.10 2.10
CA THR F 139 -0.23 36.19 2.22
C THR F 139 0.15 37.37 1.34
N ASP F 140 1.44 37.64 1.18
CA ASP F 140 1.90 38.67 0.26
C ASP F 140 3.11 38.14 -0.52
N ARG F 141 3.39 38.80 -1.63
CA ARG F 141 4.44 38.36 -2.53
C ARG F 141 5.77 38.24 -1.80
N PRO F 142 6.36 37.06 -1.72
CA PRO F 142 7.66 36.92 -1.03
C PRO F 142 8.80 37.43 -1.90
N ASP F 143 9.79 38.06 -1.25
CA ASP F 143 10.94 38.63 -1.96
C ASP F 143 11.98 37.52 -2.14
N LEU F 144 11.78 36.72 -3.17
CA LEU F 144 12.65 35.58 -3.44
C LEU F 144 13.92 36.02 -4.16
N SER F 145 15.02 35.36 -3.82
CA SER F 145 16.28 35.50 -4.54
C SER F 145 16.78 34.10 -4.86
N LEU F 146 16.75 33.72 -6.13
CA LEU F 146 17.20 32.42 -6.56
C LEU F 146 18.12 32.55 -7.77
N THR F 147 18.93 31.52 -7.97
CA THR F 147 19.83 31.44 -9.10
C THR F 147 19.69 30.07 -9.76
N VAL F 148 19.89 30.04 -11.07
CA VAL F 148 19.70 28.83 -11.87
C VAL F 148 20.98 28.58 -12.64
N LEU F 149 21.59 27.41 -12.42
CA LEU F 149 22.78 26.99 -13.14
C LEU F 149 22.48 25.72 -13.92
N PRO F 150 23.01 25.57 -15.14
CA PRO F 150 22.83 24.31 -15.86
C PRO F 150 23.58 23.18 -15.17
N LYS F 151 23.33 21.96 -15.64
CA LYS F 151 24.01 20.77 -15.17
C LYS F 151 24.85 20.11 -16.26
N LEU F 152 25.25 20.86 -17.28
CA LEU F 152 25.96 20.31 -18.43
C LEU F 152 25.16 19.17 -19.06
N GLU F 163 17.83 32.61 -21.60
CA GLU F 163 17.19 31.38 -21.15
C GLU F 163 17.11 31.33 -19.63
N LEU F 164 18.28 31.29 -18.98
CA LEU F 164 18.32 31.19 -17.52
C LEU F 164 17.51 32.29 -16.86
N SER F 165 17.48 33.49 -17.45
CA SER F 165 16.67 34.55 -16.89
C SER F 165 15.18 34.22 -16.98
N THR F 166 14.74 33.64 -18.10
CA THR F 166 13.34 33.28 -18.24
C THR F 166 12.96 32.16 -17.28
N ILE F 167 13.87 31.23 -17.01
CA ILE F 167 13.57 30.14 -16.08
C ILE F 167 13.33 30.69 -14.68
N GLU F 168 14.19 31.61 -14.23
CA GLU F 168 14.01 32.21 -12.91
C GLU F 168 12.60 32.77 -12.74
N GLU F 169 12.08 33.43 -13.77
CA GLU F 169 10.78 34.07 -13.66
C GLU F 169 9.66 33.05 -13.68
N LEU F 170 9.80 31.99 -14.50
CA LEU F 170 8.78 30.94 -14.49
C LEU F 170 8.71 30.25 -13.14
N ILE F 171 9.86 30.04 -12.49
CA ILE F 171 9.88 29.42 -11.18
C ILE F 171 9.24 30.35 -10.14
N LYS F 172 9.70 31.60 -10.09
CA LYS F 172 9.16 32.54 -9.10
C LYS F 172 7.66 32.68 -9.24
N ASP F 173 7.17 32.84 -10.47
CA ASP F 173 5.73 32.96 -10.68
C ASP F 173 4.97 31.78 -10.07
N ALA F 174 5.58 30.60 -10.05
CA ALA F 174 4.92 29.44 -9.45
C ALA F 174 4.99 29.48 -7.93
N ILE F 175 6.17 29.76 -7.37
CA ILE F 175 6.30 29.76 -5.91
C ILE F 175 5.40 30.82 -5.29
N VAL F 176 5.09 31.89 -6.02
CA VAL F 176 4.25 32.95 -5.46
C VAL F 176 2.78 32.60 -5.60
N SER F 177 2.39 32.00 -6.73
CA SER F 177 0.98 31.77 -7.04
C SER F 177 0.43 30.48 -6.44
N THR F 178 1.27 29.50 -6.16
CA THR F 178 0.76 28.19 -5.75
C THR F 178 0.19 28.23 -4.34
N GLN F 179 -0.89 27.47 -4.14
CA GLN F 179 -1.52 27.28 -2.83
C GLN F 179 -1.62 25.79 -2.60
N PRO F 180 -0.56 25.16 -2.09
CA PRO F 180 -0.57 23.70 -1.95
C PRO F 180 -1.71 23.20 -1.09
N ALA F 181 -1.92 21.89 -1.15
CA ALA F 181 -2.95 21.23 -0.35
C ALA F 181 -2.55 19.78 -0.15
N VAL F 184 -4.02 14.27 5.32
CA VAL F 184 -3.35 13.56 6.40
C VAL F 184 -4.28 12.46 6.90
N ASN F 185 -3.70 11.41 7.46
CA ASN F 185 -4.44 10.23 7.89
C ASN F 185 -5.07 9.54 6.68
#